data_2HFU
#
_entry.id   2HFU
#
_cell.length_a   41.185
_cell.length_b   88.446
_cell.length_c   87.718
_cell.angle_alpha   90.00
_cell.angle_beta   103.51
_cell.angle_gamma   90.00
#
_symmetry.space_group_name_H-M   'P 1 21 1'
#
loop_
_entity.id
_entity.type
_entity.pdbx_description
1 polymer 'Mevalonate kinase, putative'
2 non-polymer (R)-MEVALONATE
3 water water
#
_entity_poly.entity_id   1
_entity_poly.type   'polypeptide(L)'
_entity_poly.pdbx_seq_one_letter_code
;GSHMSKPVKSKTTGKNIGYGKVILFGEHFVVHGAEAIVAGISEYTECRLEINPGVPGLQVDDQRPAIPGYIAQKRDEQIK
AHQLVLDHLKVDLSGDGLKMFIGGPLVPSSGIGASASDVVAFSRALSELYQLNLTDEEVNLSAFVGEGGYHGTPSGADNT
AATYGGLILYRRQNGKSVFKPIAFQQRLYLVVVGTGINASTAKVVNDVHKMKQQQPVQFKRLYDNYTHIVSQAREALQKG
DLQRLGQLMNANHDLCRQIDVSCRELESIVQTCRTYGALGAKLSGTGRGGIAVALAASSDQRDAIVKGLKAKCPEAKFIW
RYTVQPSAASNL
;
_entity_poly.pdbx_strand_id   A,B
#
loop_
_chem_comp.id
_chem_comp.type
_chem_comp.name
_chem_comp.formula
MEV non-polymer (R)-MEVALONATE 'C6 H11 O4 -1'
#
# COMPACT_ATOMS: atom_id res chain seq x y z
N MET A 4 22.58 -31.26 39.63
CA MET A 4 21.47 -30.38 40.12
C MET A 4 22.05 -29.11 40.74
N SER A 5 21.60 -27.96 40.25
CA SER A 5 22.10 -26.66 40.69
C SER A 5 21.57 -26.28 42.07
N LYS A 6 22.47 -25.85 42.96
CA LYS A 6 22.09 -25.35 44.28
C LYS A 6 22.31 -23.83 44.35
N PRO A 7 21.46 -23.12 45.10
CA PRO A 7 21.47 -21.65 45.10
C PRO A 7 22.69 -21.07 45.80
N VAL A 8 23.36 -20.15 45.13
CA VAL A 8 24.58 -19.52 45.67
C VAL A 8 24.20 -18.21 46.35
N LYS A 9 23.30 -17.47 45.74
CA LYS A 9 22.76 -16.23 46.30
C LYS A 9 21.39 -16.51 46.90
N SER A 10 21.00 -15.72 47.89
CA SER A 10 19.70 -15.86 48.53
C SER A 10 18.65 -14.96 47.87
N LYS A 11 19.12 -13.94 47.16
CA LYS A 11 18.26 -12.93 46.53
C LYS A 11 19.02 -12.31 45.35
N THR A 12 18.35 -12.14 44.21
CA THR A 12 18.98 -11.46 43.07
C THR A 12 19.08 -9.96 43.31
N THR A 13 20.19 -9.38 42.84
CA THR A 13 20.46 -7.95 42.95
C THR A 13 20.70 -7.32 41.58
N GLY A 14 20.77 -8.17 40.55
CA GLY A 14 20.95 -7.69 39.17
C GLY A 14 19.67 -7.15 38.54
N LYS A 15 19.74 -6.84 37.25
CA LYS A 15 18.57 -6.41 36.50
C LYS A 15 18.33 -7.44 35.40
N ASN A 16 17.57 -8.46 35.76
CA ASN A 16 17.36 -9.62 34.90
C ASN A 16 16.08 -9.44 34.10
N ILE A 17 16.27 -9.12 32.82
CA ILE A 17 15.18 -8.70 31.96
C ILE A 17 15.10 -9.49 30.66
N GLY A 18 13.91 -9.46 30.06
CA GLY A 18 13.68 -9.99 28.72
C GLY A 18 12.96 -8.92 27.94
N TYR A 19 13.48 -8.59 26.76
CA TYR A 19 12.92 -7.50 25.96
C TYR A 19 11.61 -7.90 25.29
N GLY A 20 10.78 -6.90 25.00
CA GLY A 20 9.59 -7.10 24.17
C GLY A 20 10.01 -7.26 22.72
N LYS A 21 9.05 -7.61 21.86
CA LYS A 21 9.31 -7.89 20.46
C LYS A 21 8.20 -7.36 19.57
N VAL A 22 8.58 -6.73 18.46
CA VAL A 22 7.65 -6.47 17.36
C VAL A 22 8.27 -6.95 16.05
N ILE A 23 7.45 -7.55 15.19
CA ILE A 23 7.94 -7.89 13.86
C ILE A 23 7.76 -6.68 12.96
N LEU A 24 8.88 -6.17 12.45
CA LEU A 24 8.85 -5.00 11.58
C LEU A 24 8.53 -5.37 10.14
N PHE A 25 9.23 -6.37 9.61
CA PHE A 25 8.95 -6.94 8.30
C PHE A 25 8.91 -8.47 8.30
N GLY A 26 8.00 -9.03 7.53
CA GLY A 26 8.16 -10.38 7.03
C GLY A 26 7.37 -11.48 7.73
N GLU A 27 6.46 -11.11 8.63
CA GLU A 27 5.54 -12.10 9.18
C GLU A 27 4.87 -12.86 8.05
N HIS A 28 4.67 -14.15 8.28
CA HIS A 28 4.04 -15.09 7.33
C HIS A 28 4.91 -15.47 6.13
N PHE A 29 5.53 -14.48 5.50
CA PHE A 29 6.41 -14.75 4.35
C PHE A 29 7.70 -15.45 4.78
N VAL A 30 8.13 -15.20 6.01
CA VAL A 30 9.33 -15.84 6.57
C VAL A 30 9.17 -17.37 6.65
N VAL A 31 7.93 -17.83 6.83
CA VAL A 31 7.61 -19.26 6.88
C VAL A 31 7.98 -19.93 5.56
N HIS A 32 7.94 -19.16 4.49
CA HIS A 32 8.17 -19.67 3.14
C HIS A 32 9.56 -19.33 2.60
N GLY A 33 10.43 -18.86 3.48
CA GLY A 33 11.85 -18.70 3.16
C GLY A 33 12.36 -17.28 3.04
N ALA A 34 11.46 -16.31 3.15
CA ALA A 34 11.83 -14.89 3.05
C ALA A 34 12.51 -14.39 4.32
N GLU A 35 13.30 -13.33 4.18
CA GLU A 35 13.95 -12.69 5.33
C GLU A 35 12.98 -11.82 6.10
N ALA A 36 13.05 -11.90 7.42
CA ALA A 36 12.22 -11.09 8.29
C ALA A 36 13.07 -10.16 9.16
N ILE A 37 12.50 -9.01 9.51
CA ILE A 37 13.16 -8.09 10.44
C ILE A 37 12.35 -8.02 11.73
N VAL A 38 12.98 -8.47 12.81
CA VAL A 38 12.34 -8.52 14.12
C VAL A 38 13.03 -7.49 15.01
N ALA A 39 12.22 -6.75 15.78
CA ALA A 39 12.77 -5.72 16.66
C ALA A 39 12.54 -6.03 18.13
N GLY A 40 13.63 -6.26 18.84
CA GLY A 40 13.59 -6.31 20.30
C GLY A 40 13.52 -4.88 20.77
N ILE A 41 12.47 -4.55 21.52
CA ILE A 41 12.28 -3.19 22.00
C ILE A 41 12.95 -2.97 23.35
N SER A 42 13.14 -1.71 23.73
CA SER A 42 13.76 -1.34 25.01
C SER A 42 12.94 -1.81 26.19
N GLU A 43 11.62 -1.74 26.03
CA GLU A 43 10.69 -2.06 27.09
C GLU A 43 10.73 -3.55 27.40
N TYR A 44 10.70 -3.88 28.68
CA TYR A 44 11.15 -5.19 29.13
C TYR A 44 10.30 -5.78 30.25
N THR A 45 10.46 -7.07 30.44
CA THR A 45 9.93 -7.76 31.60
C THR A 45 11.10 -8.05 32.52
N GLU A 46 10.93 -7.76 33.81
CA GLU A 46 11.95 -8.06 34.81
C GLU A 46 11.51 -9.21 35.71
N CYS A 47 12.43 -10.11 36.00
CA CYS A 47 12.21 -11.15 36.98
C CYS A 47 13.18 -10.98 38.14
N ARG A 48 12.63 -10.95 39.35
N ARG A 48 12.63 -10.96 39.35
CA ARG A 48 13.42 -10.96 40.58
CA ARG A 48 13.42 -10.98 40.57
C ARG A 48 13.18 -12.27 41.31
C ARG A 48 13.19 -12.30 41.28
N LEU A 49 14.22 -12.82 41.92
CA LEU A 49 14.14 -14.09 42.63
C LEU A 49 14.75 -14.02 44.02
N GLU A 50 14.12 -14.72 44.95
CA GLU A 50 14.72 -14.95 46.26
C GLU A 50 14.32 -16.33 46.80
N ILE A 51 15.21 -16.88 47.61
CA ILE A 51 14.98 -18.20 48.20
C ILE A 51 13.76 -18.18 49.12
N ASN A 52 13.05 -19.30 49.15
CA ASN A 52 11.87 -19.43 50.00
C ASN A 52 12.03 -20.65 50.92
N PRO A 53 12.82 -20.50 51.99
CA PRO A 53 13.17 -21.63 52.86
C PRO A 53 11.96 -22.35 53.45
N GLY A 54 11.98 -23.67 53.39
CA GLY A 54 10.92 -24.51 53.94
C GLY A 54 9.65 -24.55 53.12
N VAL A 55 9.56 -23.67 52.12
CA VAL A 55 8.39 -23.59 51.26
C VAL A 55 8.79 -24.09 49.86
N PRO A 56 8.37 -25.31 49.50
CA PRO A 56 8.71 -25.90 48.21
C PRO A 56 8.04 -25.23 47.01
N GLY A 57 8.69 -25.35 45.86
CA GLY A 57 8.13 -24.86 44.61
C GLY A 57 8.37 -23.40 44.33
N LEU A 58 7.75 -22.93 43.25
CA LEU A 58 7.93 -21.56 42.79
C LEU A 58 6.68 -20.73 43.07
N GLN A 59 6.83 -19.70 43.90
CA GLN A 59 5.73 -18.77 44.18
C GLN A 59 5.82 -17.57 43.23
N VAL A 60 4.81 -17.40 42.40
CA VAL A 60 4.81 -16.33 41.40
C VAL A 60 3.98 -15.13 41.83
N ASP A 61 4.67 -14.00 41.99
CA ASP A 61 4.05 -12.71 42.27
C ASP A 61 4.13 -11.90 40.98
N ASP A 62 3.12 -12.08 40.13
CA ASP A 62 3.12 -11.51 38.78
C ASP A 62 2.45 -10.14 38.77
N GLN A 63 3.27 -9.11 38.67
CA GLN A 63 2.78 -7.73 38.72
C GLN A 63 3.01 -6.95 37.43
N ARG A 64 3.27 -7.67 36.34
CA ARG A 64 3.39 -7.04 35.02
C ARG A 64 2.14 -6.24 34.68
N PRO A 65 2.31 -5.10 34.00
CA PRO A 65 1.17 -4.28 33.61
C PRO A 65 0.43 -4.85 32.39
N ALA A 66 0.07 -6.13 32.48
CA ALA A 66 -0.62 -6.85 31.39
C ALA A 66 -2.02 -6.30 31.17
N ILE A 67 -2.51 -6.44 29.94
CA ILE A 67 -3.89 -6.07 29.60
C ILE A 67 -4.87 -6.91 30.43
N PRO A 68 -6.08 -6.38 30.69
CA PRO A 68 -7.06 -7.07 31.52
C PRO A 68 -7.31 -8.51 31.06
N GLY A 69 -7.18 -9.46 32.00
CA GLY A 69 -7.44 -10.87 31.71
C GLY A 69 -6.27 -11.69 31.20
N TYR A 70 -5.23 -11.04 30.70
CA TYR A 70 -4.09 -11.74 30.08
C TYR A 70 -3.37 -12.68 31.04
N ILE A 71 -3.01 -12.18 32.22
CA ILE A 71 -2.24 -12.99 33.17
C ILE A 71 -3.01 -14.24 33.60
N ALA A 72 -4.30 -14.08 33.90
CA ALA A 72 -5.17 -15.20 34.26
C ALA A 72 -5.29 -16.21 33.11
N GLN A 73 -5.42 -15.71 31.90
CA GLN A 73 -5.53 -16.55 30.71
C GLN A 73 -4.27 -17.39 30.46
N LYS A 74 -3.10 -16.81 30.73
CA LYS A 74 -1.82 -17.43 30.40
C LYS A 74 -1.16 -18.18 31.56
N ARG A 75 -1.80 -18.19 32.73
CA ARG A 75 -1.19 -18.74 33.94
C ARG A 75 -0.82 -20.23 33.83
N ASP A 76 -1.72 -21.04 33.30
CA ASP A 76 -1.46 -22.48 33.18
C ASP A 76 -0.30 -22.78 32.23
N GLU A 77 -0.20 -22.02 31.15
CA GLU A 77 0.94 -22.13 30.23
C GLU A 77 2.22 -21.69 30.94
N GLN A 78 2.14 -20.57 31.67
CA GLN A 78 3.27 -20.04 32.42
C GLN A 78 3.84 -21.07 33.40
N ILE A 79 2.96 -21.78 34.08
CA ILE A 79 3.34 -22.87 34.99
C ILE A 79 4.20 -23.90 34.27
N LYS A 80 3.72 -24.38 33.12
CA LYS A 80 4.47 -25.30 32.27
C LYS A 80 5.79 -24.70 31.83
N ALA A 81 5.76 -23.44 31.42
CA ALA A 81 6.91 -22.73 30.87
C ALA A 81 8.05 -22.58 31.88
N HIS A 82 7.71 -22.06 33.07
CA HIS A 82 8.68 -21.89 34.15
C HIS A 82 9.28 -23.23 34.58
N GLN A 83 8.43 -24.26 34.67
CA GLN A 83 8.88 -25.59 35.06
C GLN A 83 9.84 -26.17 34.02
N LEU A 84 9.59 -25.89 32.74
CA LEU A 84 10.50 -26.30 31.67
C LEU A 84 11.88 -25.67 31.81
N VAL A 85 11.90 -24.37 32.12
CA VAL A 85 13.15 -23.65 32.37
C VAL A 85 13.88 -24.23 33.59
N LEU A 86 13.14 -24.38 34.69
CA LEU A 86 13.69 -24.96 35.92
C LEU A 86 14.30 -26.34 35.68
N ASP A 87 13.59 -27.19 34.95
CA ASP A 87 14.08 -28.53 34.61
C ASP A 87 15.30 -28.47 33.68
N HIS A 88 15.23 -27.61 32.66
CA HIS A 88 16.34 -27.39 31.73
C HIS A 88 17.61 -26.98 32.46
N LEU A 89 17.48 -26.07 33.42
CA LEU A 89 18.64 -25.57 34.17
C LEU A 89 18.97 -26.42 35.39
N LYS A 90 18.26 -27.55 35.54
CA LYS A 90 18.49 -28.52 36.61
C LYS A 90 18.34 -27.89 38.00
N VAL A 91 17.25 -27.15 38.16
CA VAL A 91 16.93 -26.50 39.43
C VAL A 91 15.82 -27.27 40.12
N ASP A 92 16.10 -27.69 41.35
CA ASP A 92 15.18 -28.51 42.14
C ASP A 92 14.61 -27.68 43.28
N LEU A 93 13.29 -27.49 43.27
CA LEU A 93 12.63 -26.68 44.29
C LEU A 93 11.75 -27.53 45.23
N SER A 94 12.02 -28.83 45.29
CA SER A 94 11.22 -29.75 46.11
C SER A 94 11.44 -29.58 47.63
N GLY A 95 12.53 -28.93 48.00
CA GLY A 95 12.82 -28.61 49.40
C GLY A 95 12.57 -27.13 49.67
N ASP A 96 13.61 -26.32 49.58
CA ASP A 96 13.47 -24.87 49.60
C ASP A 96 13.11 -24.38 48.20
N GLY A 97 12.01 -23.65 48.09
CA GLY A 97 11.56 -23.13 46.80
C GLY A 97 12.05 -21.72 46.52
N LEU A 98 11.32 -21.00 45.68
CA LEU A 98 11.66 -19.63 45.30
C LEU A 98 10.45 -18.71 45.29
N LYS A 99 10.66 -17.47 45.69
CA LYS A 99 9.70 -16.39 45.46
C LYS A 99 10.12 -15.62 44.22
N MET A 100 9.21 -15.52 43.26
CA MET A 100 9.46 -14.81 42.00
C MET A 100 8.62 -13.55 41.95
N PHE A 101 9.27 -12.43 41.66
CA PHE A 101 8.56 -11.19 41.38
C PHE A 101 8.72 -10.89 39.88
N ILE A 102 7.60 -10.69 39.20
CA ILE A 102 7.65 -10.29 37.79
C ILE A 102 7.13 -8.88 37.60
N GLY A 103 7.98 -8.04 37.01
CA GLY A 103 7.66 -6.63 36.77
C GLY A 103 8.15 -6.16 35.41
N GLY A 104 8.68 -4.95 35.38
CA GLY A 104 9.10 -4.32 34.12
C GLY A 104 7.95 -3.57 33.47
N PRO A 105 8.27 -2.59 32.63
CA PRO A 105 7.25 -1.75 31.99
C PRO A 105 6.54 -2.37 30.76
N LEU A 106 7.10 -3.44 30.19
CA LEU A 106 6.45 -4.11 29.05
C LEU A 106 5.03 -4.54 29.43
N VAL A 107 4.08 -4.21 28.56
CA VAL A 107 2.69 -4.61 28.76
C VAL A 107 2.43 -5.91 28.00
N PRO A 108 2.25 -7.01 28.74
CA PRO A 108 1.94 -8.29 28.14
C PRO A 108 0.59 -8.27 27.43
N SER A 109 0.62 -8.72 26.18
CA SER A 109 -0.53 -8.73 25.30
C SER A 109 -0.12 -9.60 24.13
N SER A 110 -1.10 -10.13 23.40
N SER A 110 -1.10 -10.13 23.40
CA SER A 110 -0.82 -10.97 22.24
CA SER A 110 -0.83 -10.97 22.24
C SER A 110 -0.05 -10.19 21.18
C SER A 110 -0.05 -10.19 21.17
N GLY A 111 1.00 -10.81 20.64
CA GLY A 111 1.81 -10.23 19.58
C GLY A 111 3.09 -9.52 19.99
N ILE A 112 3.27 -9.29 21.29
CA ILE A 112 4.42 -8.55 21.80
C ILE A 112 5.57 -9.45 22.29
N GLY A 113 5.41 -10.76 22.14
CA GLY A 113 6.41 -11.74 22.60
C GLY A 113 6.63 -11.75 24.10
N ALA A 114 5.57 -11.43 24.84
CA ALA A 114 5.64 -11.28 26.30
C ALA A 114 5.99 -12.56 27.03
N SER A 115 5.56 -13.70 26.49
CA SER A 115 5.86 -14.99 27.10
C SER A 115 7.36 -15.28 27.03
N ALA A 116 7.98 -14.94 25.89
CA ALA A 116 9.42 -15.08 25.73
C ALA A 116 10.17 -14.14 26.67
N SER A 117 9.71 -12.90 26.79
CA SER A 117 10.29 -11.92 27.71
C SER A 117 10.30 -12.46 29.14
N ASP A 118 9.17 -13.05 29.53
CA ASP A 118 9.01 -13.74 30.81
C ASP A 118 10.09 -14.82 31.03
N VAL A 119 10.15 -15.82 30.16
CA VAL A 119 11.10 -16.93 30.32
C VAL A 119 12.57 -16.51 30.18
N VAL A 120 12.83 -15.44 29.41
CA VAL A 120 14.20 -14.90 29.31
C VAL A 120 14.61 -14.25 30.61
N ALA A 121 13.74 -13.39 31.14
CA ALA A 121 14.00 -12.73 32.43
C ALA A 121 14.22 -13.75 33.54
N PHE A 122 13.37 -14.78 33.55
CA PHE A 122 13.45 -15.89 34.51
C PHE A 122 14.77 -16.66 34.38
N SER A 123 15.20 -16.92 33.14
CA SER A 123 16.44 -17.65 32.89
C SER A 123 17.67 -16.88 33.35
N ARG A 124 17.65 -15.56 33.14
CA ARG A 124 18.72 -14.68 33.60
C ARG A 124 18.75 -14.58 35.11
N ALA A 125 17.56 -14.49 35.72
CA ALA A 125 17.43 -14.44 37.16
C ALA A 125 17.93 -15.72 37.83
N LEU A 126 17.60 -16.87 37.22
CA LEU A 126 18.08 -18.16 37.72
C LEU A 126 19.60 -18.27 37.61
N SER A 127 20.14 -17.83 36.47
CA SER A 127 21.58 -17.80 36.26
C SER A 127 22.31 -16.98 37.33
N GLU A 128 21.72 -15.87 37.75
CA GLU A 128 22.30 -15.08 38.84
C GLU A 128 22.24 -15.80 40.19
N LEU A 129 21.05 -16.27 40.55
CA LEU A 129 20.82 -16.89 41.86
C LEU A 129 21.65 -18.16 42.03
N TYR A 130 21.71 -18.96 40.98
CA TYR A 130 22.44 -20.22 41.02
C TYR A 130 23.88 -20.07 40.53
N GLN A 131 24.26 -18.84 40.21
CA GLN A 131 25.59 -18.48 39.67
C GLN A 131 26.01 -19.42 38.55
N LEU A 132 25.18 -19.47 37.51
CA LEU A 132 25.40 -20.38 36.39
C LEU A 132 26.22 -19.75 35.28
N ASN A 133 26.41 -18.43 35.35
CA ASN A 133 27.16 -17.66 34.34
C ASN A 133 26.76 -18.00 32.90
N LEU A 134 25.45 -18.00 32.66
CA LEU A 134 24.90 -18.31 31.35
C LEU A 134 25.32 -17.28 30.31
N THR A 135 25.78 -17.77 29.16
CA THR A 135 25.98 -16.93 27.99
C THR A 135 24.61 -16.54 27.44
N ASP A 136 24.58 -15.55 26.55
CA ASP A 136 23.33 -15.16 25.89
C ASP A 136 22.75 -16.34 25.12
N GLU A 137 23.63 -17.12 24.48
CA GLU A 137 23.26 -18.33 23.77
C GLU A 137 22.52 -19.30 24.69
N GLU A 138 23.06 -19.49 25.90
CA GLU A 138 22.46 -20.38 26.89
C GLU A 138 21.16 -19.82 27.47
N VAL A 139 21.10 -18.50 27.67
CA VAL A 139 19.86 -17.84 28.09
C VAL A 139 18.76 -18.05 27.04
N ASN A 140 19.12 -17.81 25.78
CA ASN A 140 18.24 -17.95 24.63
C ASN A 140 17.68 -19.37 24.48
N LEU A 141 18.54 -20.38 24.66
CA LEU A 141 18.11 -21.78 24.64
C LEU A 141 17.15 -22.10 25.79
N SER A 142 17.51 -21.65 26.99
CA SER A 142 16.66 -21.83 28.17
C SER A 142 15.28 -21.25 27.92
N ALA A 143 15.24 -20.04 27.36
CA ALA A 143 13.99 -19.39 26.99
C ALA A 143 13.24 -20.17 25.91
N PHE A 144 13.96 -20.61 24.88
CA PHE A 144 13.37 -21.42 23.80
C PHE A 144 12.68 -22.66 24.36
N VAL A 145 13.40 -23.40 25.20
CA VAL A 145 12.86 -24.58 25.90
C VAL A 145 11.60 -24.21 26.69
N GLY A 146 11.69 -23.12 27.45
CA GLY A 146 10.56 -22.67 28.29
C GLY A 146 9.35 -22.27 27.48
N GLU A 147 9.60 -21.59 26.35
CA GLU A 147 8.56 -21.18 25.42
C GLU A 147 7.68 -22.33 24.96
N GLY A 148 8.20 -23.56 25.04
CA GLY A 148 7.44 -24.77 24.75
C GLY A 148 6.22 -24.95 25.65
N GLY A 149 6.25 -24.32 26.82
CA GLY A 149 5.15 -24.36 27.78
C GLY A 149 3.93 -23.57 27.35
N TYR A 150 4.19 -22.46 26.64
CA TYR A 150 3.14 -21.74 25.93
C TYR A 150 2.95 -22.41 24.58
N HIS A 151 1.79 -22.20 23.96
CA HIS A 151 1.55 -22.72 22.61
C HIS A 151 1.56 -21.57 21.59
N GLY A 152 2.25 -21.73 20.46
CA GLY A 152 2.96 -22.95 20.07
C GLY A 152 2.79 -23.17 18.58
N THR A 153 3.85 -23.44 17.83
CA THR A 153 5.21 -23.67 18.33
C THR A 153 6.10 -22.41 18.20
N PRO A 154 7.07 -22.25 19.09
CA PRO A 154 8.03 -21.15 18.99
C PRO A 154 8.97 -21.28 17.77
N SER A 155 9.07 -20.20 17.00
CA SER A 155 10.00 -20.12 15.88
C SER A 155 11.42 -19.85 16.36
N GLY A 156 11.52 -19.23 17.53
CA GLY A 156 12.81 -18.81 18.08
C GLY A 156 12.99 -17.30 18.03
N ALA A 157 12.19 -16.63 17.21
CA ALA A 157 12.26 -15.18 17.03
C ALA A 157 11.94 -14.42 18.31
N ASP A 158 10.91 -14.86 19.03
CA ASP A 158 10.48 -14.21 20.26
C ASP A 158 11.58 -14.26 21.32
N ASN A 159 12.04 -15.46 21.64
CA ASN A 159 13.12 -15.62 22.61
C ASN A 159 14.41 -14.90 22.21
N THR A 160 14.78 -14.98 20.93
CA THR A 160 15.99 -14.33 20.43
C THR A 160 15.94 -12.81 20.60
N ALA A 161 14.79 -12.21 20.25
CA ALA A 161 14.59 -10.77 20.45
C ALA A 161 14.60 -10.43 21.94
N ALA A 162 14.00 -11.30 22.74
CA ALA A 162 13.91 -11.08 24.19
C ALA A 162 15.28 -11.12 24.90
N THR A 163 16.19 -11.99 24.45
CA THR A 163 17.52 -12.06 25.07
C THR A 163 18.56 -11.10 24.50
N TYR A 164 18.52 -10.86 23.19
CA TYR A 164 19.53 -10.02 22.55
C TYR A 164 19.12 -8.56 22.40
N GLY A 165 17.86 -8.32 22.06
CA GLY A 165 17.36 -6.96 21.84
C GLY A 165 17.78 -6.43 20.47
N GLY A 166 17.37 -5.20 20.19
CA GLY A 166 17.75 -4.52 18.94
C GLY A 166 17.12 -5.11 17.69
N LEU A 167 17.65 -4.74 16.54
CA LEU A 167 17.13 -5.24 15.27
C LEU A 167 17.79 -6.56 14.89
N ILE A 168 16.97 -7.49 14.40
CA ILE A 168 17.41 -8.87 14.16
C ILE A 168 16.87 -9.39 12.83
N LEU A 169 17.77 -9.88 11.98
CA LEU A 169 17.39 -10.56 10.76
C LEU A 169 17.05 -12.01 11.05
N TYR A 170 15.84 -12.41 10.68
CA TYR A 170 15.30 -13.73 10.98
C TYR A 170 14.88 -14.42 9.69
N ARG A 171 15.50 -15.58 9.43
CA ARG A 171 15.15 -16.39 8.26
C ARG A 171 15.26 -17.89 8.52
N ARG A 172 14.50 -18.66 7.75
CA ARG A 172 14.58 -20.13 7.80
C ARG A 172 15.65 -20.58 6.82
N GLN A 173 16.73 -21.16 7.35
CA GLN A 173 17.92 -21.47 6.56
C GLN A 173 18.63 -22.76 7.00
N ASN A 174 18.60 -23.76 6.14
CA ASN A 174 19.53 -24.89 6.18
C ASN A 174 19.46 -25.80 7.39
N GLY A 175 18.27 -26.18 7.85
CA GLY A 175 16.99 -25.64 7.41
C GLY A 175 16.15 -25.39 8.65
N LYS A 176 16.61 -24.43 9.45
CA LYS A 176 15.94 -24.02 10.69
C LYS A 176 16.02 -22.50 10.79
N SER A 177 15.55 -21.94 11.90
CA SER A 177 15.58 -20.49 12.11
C SER A 177 17.00 -19.97 12.38
N VAL A 178 17.45 -19.03 11.54
CA VAL A 178 18.77 -18.42 11.65
C VAL A 178 18.61 -16.93 11.98
N PHE A 179 19.38 -16.47 12.96
CA PHE A 179 19.28 -15.08 13.43
C PHE A 179 20.63 -14.37 13.38
N LYS A 180 20.59 -13.10 12.98
CA LYS A 180 21.77 -12.23 13.03
C LYS A 180 21.35 -10.80 13.38
N PRO A 181 22.23 -10.06 14.06
CA PRO A 181 21.93 -8.67 14.41
C PRO A 181 21.98 -7.74 13.20
N ILE A 182 21.12 -6.72 13.22
CA ILE A 182 21.16 -5.66 12.22
C ILE A 182 21.70 -4.40 12.90
N ALA A 183 22.79 -3.86 12.36
CA ALA A 183 23.38 -2.62 12.86
C ALA A 183 22.57 -1.41 12.42
N PHE A 184 22.22 -0.56 13.37
CA PHE A 184 21.41 0.63 13.10
C PHE A 184 21.79 1.77 14.05
N GLN A 185 21.91 2.97 13.49
CA GLN A 185 22.46 4.12 14.22
C GLN A 185 21.42 5.14 14.69
N GLN A 186 20.15 4.84 14.47
CA GLN A 186 19.06 5.74 14.87
C GLN A 186 18.06 5.08 15.82
N ARG A 187 17.43 5.90 16.66
CA ARG A 187 16.36 5.44 17.52
C ARG A 187 15.08 5.24 16.71
N LEU A 188 14.39 4.13 16.96
CA LEU A 188 13.09 3.86 16.34
C LEU A 188 11.97 4.21 17.31
N TYR A 189 11.22 5.26 17.00
CA TYR A 189 10.06 5.64 17.81
C TYR A 189 8.81 4.93 17.31
N LEU A 190 8.33 3.98 18.11
CA LEU A 190 7.19 3.14 17.71
C LEU A 190 5.93 3.42 18.50
N VAL A 191 4.81 3.39 17.80
CA VAL A 191 3.50 3.24 18.43
C VAL A 191 3.05 1.82 18.13
N VAL A 192 2.76 1.07 19.18
CA VAL A 192 2.27 -0.30 19.05
C VAL A 192 0.84 -0.36 19.58
N VAL A 193 -0.05 -0.92 18.78
CA VAL A 193 -1.48 -0.90 19.11
C VAL A 193 -2.06 -2.31 19.21
N GLY A 194 -2.69 -2.61 20.35
CA GLY A 194 -3.40 -3.88 20.54
C GLY A 194 -4.86 -3.81 20.14
N THR A 195 -5.31 -4.79 19.37
CA THR A 195 -6.71 -4.85 18.92
C THR A 195 -7.65 -5.39 19.99
N GLY A 196 -7.09 -6.15 20.94
CA GLY A 196 -7.88 -6.85 21.94
C GLY A 196 -8.39 -8.19 21.43
N ILE A 197 -8.00 -8.53 20.21
CA ILE A 197 -8.38 -9.79 19.58
C ILE A 197 -7.19 -10.74 19.55
N ASN A 198 -7.43 -11.99 19.96
N ASN A 198 -7.42 -11.97 20.01
CA ASN A 198 -6.41 -13.03 19.94
CA ASN A 198 -6.41 -13.01 19.90
C ASN A 198 -6.61 -14.02 18.80
C ASN A 198 -6.68 -13.86 18.67
N ALA A 199 -5.62 -14.11 17.91
CA ALA A 199 -5.69 -15.00 16.76
C ALA A 199 -4.78 -16.20 16.99
N SER A 200 -5.09 -17.32 16.33
CA SER A 200 -4.27 -18.52 16.42
C SER A 200 -3.22 -18.53 15.32
N THR A 201 -1.96 -18.34 15.73
CA THR A 201 -0.84 -18.37 14.79
C THR A 201 -0.89 -19.59 13.89
N ALA A 202 -1.09 -20.77 14.49
CA ALA A 202 -1.16 -22.04 13.77
C ALA A 202 -2.25 -22.05 12.70
N LYS A 203 -3.43 -21.56 13.03
CA LYS A 203 -4.52 -21.51 12.04
C LYS A 203 -4.20 -20.58 10.86
N VAL A 204 -3.82 -19.33 11.17
CA VAL A 204 -3.57 -18.33 10.14
C VAL A 204 -2.44 -18.74 9.20
N VAL A 205 -1.36 -19.28 9.77
CA VAL A 205 -0.26 -19.84 8.99
C VAL A 205 -0.75 -20.97 8.06
N ASN A 206 -1.56 -21.88 8.61
N ASN A 206 -1.56 -21.89 8.62
CA ASN A 206 -2.12 -22.99 7.81
CA ASN A 206 -2.15 -22.99 7.87
C ASN A 206 -3.11 -22.52 6.75
C ASN A 206 -3.07 -22.50 6.74
N ASP A 207 -3.79 -21.41 7.02
CA ASP A 207 -4.65 -20.76 6.02
C ASP A 207 -3.80 -20.20 4.88
N VAL A 208 -2.67 -19.60 5.22
CA VAL A 208 -1.72 -19.08 4.24
C VAL A 208 -1.12 -20.23 3.42
N HIS A 209 -0.76 -21.32 4.09
CA HIS A 209 -0.31 -22.54 3.41
C HIS A 209 -1.31 -23.02 2.37
N LYS A 210 -2.60 -22.99 2.73
CA LYS A 210 -3.68 -23.38 1.82
C LYS A 210 -3.84 -22.43 0.64
N MET A 211 -3.66 -21.13 0.88
CA MET A 211 -3.74 -20.14 -0.19
C MET A 211 -2.66 -20.42 -1.24
N LYS A 212 -1.45 -20.70 -0.77
CA LYS A 212 -0.35 -21.07 -1.65
C LYS A 212 -0.69 -22.32 -2.46
N GLN A 213 -1.22 -23.34 -1.79
CA GLN A 213 -1.69 -24.56 -2.46
C GLN A 213 -2.74 -24.29 -3.53
N GLN A 214 -3.67 -23.40 -3.22
CA GLN A 214 -4.76 -23.07 -4.14
C GLN A 214 -4.31 -22.14 -5.27
N GLN A 215 -3.32 -21.29 -4.98
CA GLN A 215 -2.85 -20.29 -5.94
C GLN A 215 -1.32 -20.18 -5.93
N PRO A 216 -0.63 -21.22 -6.41
CA PRO A 216 0.83 -21.23 -6.38
C PRO A 216 1.45 -20.05 -7.12
N VAL A 217 0.92 -19.74 -8.31
CA VAL A 217 1.45 -18.66 -9.13
C VAL A 217 1.20 -17.29 -8.51
N GLN A 218 -0.02 -17.06 -8.00
CA GLN A 218 -0.33 -15.80 -7.34
C GLN A 218 0.49 -15.62 -6.07
N PHE A 219 0.58 -16.67 -5.25
CA PHE A 219 1.32 -16.59 -4.00
C PHE A 219 2.81 -16.31 -4.22
N LYS A 220 3.39 -16.98 -5.22
N LYS A 220 3.40 -16.97 -5.22
CA LYS A 220 4.78 -16.78 -5.61
CA LYS A 220 4.80 -16.75 -5.56
C LYS A 220 5.06 -15.30 -5.94
C LYS A 220 5.08 -15.29 -5.94
N ARG A 221 4.13 -14.66 -6.63
CA ARG A 221 4.25 -13.24 -6.98
C ARG A 221 4.27 -12.37 -5.72
N LEU A 222 3.34 -12.62 -4.81
CA LEU A 222 3.29 -11.91 -3.53
C LEU A 222 4.55 -12.15 -2.70
N TYR A 223 4.99 -13.40 -2.66
CA TYR A 223 6.25 -13.77 -2.00
C TYR A 223 7.44 -13.01 -2.59
N ASP A 224 7.55 -13.00 -3.92
CA ASP A 224 8.63 -12.28 -4.59
C ASP A 224 8.55 -10.78 -4.34
N ASN A 225 7.33 -10.25 -4.40
CA ASN A 225 7.07 -8.86 -4.06
C ASN A 225 7.56 -8.55 -2.64
N TYR A 226 7.39 -9.49 -1.73
CA TYR A 226 7.87 -9.29 -0.37
C TYR A 226 9.41 -9.24 -0.30
N THR A 227 10.07 -10.22 -0.92
CA THR A 227 11.55 -10.29 -0.87
C THR A 227 12.19 -8.99 -1.35
N HIS A 228 11.55 -8.32 -2.30
N HIS A 228 11.57 -8.31 -2.30
CA HIS A 228 11.99 -7.03 -2.81
CA HIS A 228 12.05 -7.02 -2.77
C HIS A 228 11.85 -5.93 -1.74
C HIS A 228 11.86 -5.91 -1.73
N ILE A 229 10.75 -5.96 -0.99
CA ILE A 229 10.50 -4.98 0.08
C ILE A 229 11.51 -5.07 1.21
N VAL A 230 11.79 -6.29 1.69
CA VAL A 230 12.72 -6.49 2.80
C VAL A 230 14.16 -6.18 2.39
N SER A 231 14.49 -6.46 1.13
CA SER A 231 15.78 -6.10 0.55
C SER A 231 15.99 -4.58 0.63
N GLN A 232 14.97 -3.83 0.24
CA GLN A 232 14.99 -2.37 0.33
C GLN A 232 15.00 -1.90 1.78
N ALA A 233 14.25 -2.59 2.63
CA ALA A 233 14.18 -2.28 4.07
C ALA A 233 15.56 -2.36 4.72
N ARG A 234 16.33 -3.38 4.34
CA ARG A 234 17.68 -3.55 4.86
C ARG A 234 18.59 -2.40 4.45
N GLU A 235 18.50 -2.00 3.18
CA GLU A 235 19.24 -0.86 2.66
C GLU A 235 18.83 0.45 3.35
N ALA A 236 17.52 0.66 3.49
CA ALA A 236 17.00 1.83 4.21
C ALA A 236 17.54 1.91 5.64
N LEU A 237 17.69 0.76 6.29
CA LEU A 237 18.24 0.68 7.65
C LEU A 237 19.74 1.03 7.68
N GLN A 238 20.49 0.47 6.73
CA GLN A 238 21.91 0.77 6.58
C GLN A 238 22.13 2.28 6.29
N LYS A 239 21.28 2.85 5.44
N LYS A 239 21.27 2.85 5.45
CA LYS A 239 21.32 4.27 5.12
CA LYS A 239 21.31 4.26 5.10
C LYS A 239 20.87 5.13 6.30
C LYS A 239 20.83 5.15 6.25
N GLY A 240 19.91 4.62 7.05
CA GLY A 240 19.30 5.38 8.14
C GLY A 240 18.20 6.29 7.60
N ASP A 241 17.53 5.80 6.56
CA ASP A 241 16.42 6.52 5.94
C ASP A 241 15.10 5.98 6.51
N LEU A 242 14.62 6.66 7.55
CA LEU A 242 13.39 6.25 8.24
C LEU A 242 12.14 6.48 7.42
N GLN A 243 12.16 7.51 6.58
CA GLN A 243 11.02 7.81 5.71
C GLN A 243 10.82 6.66 4.71
N ARG A 244 11.93 6.18 4.13
CA ARG A 244 11.90 5.07 3.20
C ARG A 244 11.43 3.79 3.91
N LEU A 245 11.98 3.54 5.10
CA LEU A 245 11.60 2.39 5.92
C LEU A 245 10.10 2.37 6.15
N GLY A 246 9.54 3.51 6.51
CA GLY A 246 8.10 3.67 6.74
C GLY A 246 7.26 3.33 5.52
N GLN A 247 7.65 3.89 4.38
CA GLN A 247 6.99 3.60 3.10
C GLN A 247 6.98 2.09 2.81
N LEU A 248 8.09 1.42 3.13
CA LEU A 248 8.21 -0.01 2.93
C LEU A 248 7.35 -0.83 3.89
N MET A 249 7.17 -0.32 5.11
CA MET A 249 6.25 -0.91 6.08
C MET A 249 4.82 -0.93 5.55
N ASN A 250 4.40 0.19 4.95
CA ASN A 250 3.09 0.30 4.31
C ASN A 250 2.93 -0.72 3.17
N ALA A 251 3.97 -0.84 2.36
CA ALA A 251 4.00 -1.79 1.24
C ALA A 251 3.90 -3.23 1.74
N ASN A 252 4.61 -3.51 2.84
CA ASN A 252 4.52 -4.81 3.49
C ASN A 252 3.11 -5.10 4.00
N HIS A 253 2.45 -4.11 4.60
CA HIS A 253 1.07 -4.28 5.07
C HIS A 253 0.12 -4.64 3.92
N ASP A 254 0.34 -4.00 2.77
CA ASP A 254 -0.47 -4.24 1.58
C ASP A 254 -0.39 -5.68 1.13
N LEU A 255 0.81 -6.26 1.20
CA LEU A 255 1.03 -7.66 0.84
C LEU A 255 0.38 -8.60 1.86
N CYS A 256 0.40 -8.19 3.13
CA CYS A 256 -0.26 -8.93 4.19
C CYS A 256 -1.78 -8.99 4.01
N ARG A 257 -2.37 -7.91 3.54
CA ARG A 257 -3.81 -7.90 3.22
C ARG A 257 -4.09 -8.88 2.09
N GLN A 258 -3.17 -8.95 1.13
CA GLN A 258 -3.34 -9.81 -0.04
C GLN A 258 -3.22 -11.30 0.27
N ILE A 259 -2.55 -11.64 1.36
CA ILE A 259 -2.54 -13.03 1.86
C ILE A 259 -3.60 -13.22 2.96
N ASP A 260 -4.47 -12.23 3.10
CA ASP A 260 -5.65 -12.28 3.96
C ASP A 260 -5.35 -12.49 5.45
N VAL A 261 -4.36 -11.76 5.96
CA VAL A 261 -4.01 -11.86 7.38
C VAL A 261 -4.31 -10.57 8.14
N SER A 262 -4.95 -9.61 7.45
CA SER A 262 -5.42 -8.41 8.13
C SER A 262 -6.86 -8.62 8.60
N CYS A 263 -7.47 -7.55 9.11
CA CYS A 263 -8.89 -7.53 9.49
C CYS A 263 -9.33 -6.06 9.61
N ARG A 264 -10.63 -5.85 9.81
CA ARG A 264 -11.21 -4.49 9.88
C ARG A 264 -10.55 -3.62 10.95
N GLU A 265 -10.34 -4.20 12.13
CA GLU A 265 -9.77 -3.49 13.26
C GLU A 265 -8.34 -3.02 12.97
N LEU A 266 -7.54 -3.90 12.37
CA LEU A 266 -6.17 -3.58 11.98
C LEU A 266 -6.14 -2.50 10.90
N GLU A 267 -7.06 -2.58 9.94
CA GLU A 267 -7.19 -1.56 8.90
C GLU A 267 -7.51 -0.19 9.51
N SER A 268 -8.45 -0.16 10.44
CA SER A 268 -8.80 1.09 11.12
C SER A 268 -7.58 1.73 11.80
N ILE A 269 -6.82 0.92 12.54
CA ILE A 269 -5.61 1.39 13.23
C ILE A 269 -4.57 1.96 12.27
N VAL A 270 -4.17 1.18 11.27
CA VAL A 270 -3.14 1.62 10.32
C VAL A 270 -3.54 2.89 9.56
N GLN A 271 -4.82 2.99 9.18
N GLN A 271 -4.82 2.99 9.18
CA GLN A 271 -5.36 4.16 8.50
CA GLN A 271 -5.34 4.17 8.51
C GLN A 271 -5.20 5.41 9.37
C GLN A 271 -5.20 5.42 9.36
N THR A 272 -5.62 5.32 10.62
CA THR A 272 -5.53 6.44 11.57
C THR A 272 -4.06 6.82 11.84
N CYS A 273 -3.21 5.81 12.04
CA CYS A 273 -1.78 6.02 12.21
C CYS A 273 -1.17 6.85 11.07
N ARG A 274 -1.45 6.45 9.82
CA ARG A 274 -0.94 7.16 8.65
C ARG A 274 -1.52 8.57 8.53
N THR A 275 -2.82 8.70 8.80
CA THR A 275 -3.51 9.98 8.80
C THR A 275 -2.83 10.97 9.74
N TYR A 276 -2.39 10.49 10.90
CA TYR A 276 -1.75 11.34 11.89
C TYR A 276 -0.22 11.43 11.79
N GLY A 277 0.30 11.04 10.63
CA GLY A 277 1.69 11.34 10.28
C GLY A 277 2.73 10.27 10.52
N ALA A 278 2.30 9.05 10.79
CA ALA A 278 3.21 7.92 10.88
C ALA A 278 3.97 7.76 9.55
N LEU A 279 5.27 7.54 9.64
CA LEU A 279 6.09 7.27 8.46
C LEU A 279 5.61 5.98 7.79
N GLY A 280 5.23 5.01 8.61
CA GLY A 280 4.68 3.75 8.14
C GLY A 280 3.86 3.10 9.22
N ALA A 281 2.91 2.27 8.79
CA ALA A 281 2.04 1.56 9.73
C ALA A 281 1.60 0.24 9.12
N LYS A 282 1.59 -0.81 9.94
CA LYS A 282 1.28 -2.15 9.47
C LYS A 282 0.91 -3.06 10.63
N LEU A 283 0.23 -4.15 10.29
CA LEU A 283 0.00 -5.22 11.24
C LEU A 283 1.36 -5.82 11.59
N SER A 284 1.46 -6.38 12.79
CA SER A 284 2.70 -6.99 13.23
C SER A 284 2.44 -8.36 13.81
N GLY A 285 2.98 -9.39 13.16
CA GLY A 285 2.89 -10.76 13.64
C GLY A 285 1.85 -11.59 12.92
N THR A 286 1.03 -12.28 13.71
CA THR A 286 0.06 -13.23 13.19
C THR A 286 -1.06 -12.58 12.36
N GLY A 287 -1.45 -11.37 12.74
CA GLY A 287 -2.54 -10.67 12.05
C GLY A 287 -3.89 -11.19 12.48
N ARG A 288 -4.94 -10.75 11.79
CA ARG A 288 -6.35 -11.07 12.12
C ARG A 288 -6.67 -10.76 13.59
N GLY A 289 -6.14 -9.66 14.08
CA GLY A 289 -6.14 -9.32 15.51
C GLY A 289 -4.72 -8.99 15.91
N GLY A 290 -4.41 -9.18 17.19
CA GLY A 290 -3.06 -8.93 17.70
C GLY A 290 -2.70 -7.45 17.64
N ILE A 291 -1.45 -7.16 17.28
CA ILE A 291 -0.96 -5.79 17.28
C ILE A 291 -0.71 -5.22 15.89
N ALA A 292 -0.78 -3.90 15.80
CA ALA A 292 -0.27 -3.16 14.66
C ALA A 292 0.89 -2.32 15.16
N VAL A 293 1.80 -1.96 14.26
CA VAL A 293 2.96 -1.14 14.60
C VAL A 293 3.08 0.06 13.66
N ALA A 294 3.28 1.24 14.24
CA ALA A 294 3.51 2.46 13.48
C ALA A 294 4.87 3.05 13.80
N LEU A 295 5.54 3.57 12.78
CA LEU A 295 6.84 4.23 12.94
C LEU A 295 6.68 5.74 12.87
N ALA A 296 7.14 6.44 13.91
CA ALA A 296 7.15 7.90 13.93
C ALA A 296 8.56 8.41 13.68
N ALA A 297 8.66 9.64 13.16
CA ALA A 297 9.94 10.27 12.84
C ALA A 297 10.65 10.78 14.09
N SER A 298 9.87 11.04 15.13
CA SER A 298 10.39 11.62 16.38
C SER A 298 9.46 11.27 17.54
N SER A 299 9.82 11.72 18.73
CA SER A 299 9.00 11.53 19.91
C SER A 299 7.76 12.42 19.88
N ASP A 300 7.93 13.67 19.49
CA ASP A 300 6.81 14.61 19.39
C ASP A 300 5.77 14.21 18.35
N GLN A 301 6.23 13.64 17.24
CA GLN A 301 5.33 13.16 16.19
C GLN A 301 4.61 11.87 16.62
N ARG A 302 5.24 11.12 17.53
CA ARG A 302 4.60 9.97 18.15
C ARG A 302 3.44 10.39 19.05
N ASP A 303 3.58 11.54 19.72
CA ASP A 303 2.53 12.11 20.57
C ASP A 303 1.24 12.36 19.78
N ALA A 304 1.39 12.92 18.58
CA ALA A 304 0.25 13.25 17.72
C ALA A 304 -0.49 12.00 17.25
N ILE A 305 0.26 10.94 16.97
CA ILE A 305 -0.34 9.68 16.54
C ILE A 305 -1.14 9.06 17.68
N VAL A 306 -0.57 9.04 18.89
CA VAL A 306 -1.25 8.54 20.08
C VAL A 306 -2.53 9.36 20.33
N LYS A 307 -2.41 10.68 20.26
CA LYS A 307 -3.57 11.58 20.32
C LYS A 307 -4.63 11.23 19.30
N GLY A 308 -4.20 11.03 18.05
CA GLY A 308 -5.12 10.74 16.95
C GLY A 308 -5.84 9.41 17.11
N LEU A 309 -5.11 8.40 17.56
CA LEU A 309 -5.69 7.08 17.80
C LEU A 309 -6.73 7.12 18.90
N LYS A 310 -6.39 7.77 20.02
CA LYS A 310 -7.31 7.91 21.15
C LYS A 310 -8.59 8.65 20.75
N ALA A 311 -8.44 9.70 19.95
CA ALA A 311 -9.57 10.52 19.56
C ALA A 311 -10.43 9.89 18.47
N LYS A 312 -9.80 9.27 17.48
CA LYS A 312 -10.50 8.90 16.25
C LYS A 312 -10.56 7.41 15.90
N CYS A 313 -9.83 6.58 16.63
CA CYS A 313 -9.76 5.15 16.33
C CYS A 313 -10.20 4.30 17.53
N PRO A 314 -11.49 3.96 17.60
CA PRO A 314 -12.01 3.11 18.69
C PRO A 314 -11.49 1.68 18.66
N GLU A 315 -11.05 1.23 17.48
CA GLU A 315 -10.46 -0.11 17.32
C GLU A 315 -9.09 -0.21 17.99
N ALA A 316 -8.46 0.94 18.24
CA ALA A 316 -7.18 1.00 18.94
C ALA A 316 -7.41 0.82 20.44
N LYS A 317 -7.59 -0.43 20.86
N LYS A 317 -7.61 -0.43 20.86
CA LYS A 317 -7.94 -0.78 22.24
CA LYS A 317 -7.95 -0.76 22.25
C LYS A 317 -6.83 -0.44 23.22
C LYS A 317 -6.82 -0.44 23.23
N PHE A 318 -5.59 -0.77 22.85
CA PHE A 318 -4.43 -0.49 23.69
C PHE A 318 -3.37 0.20 22.86
N ILE A 319 -2.82 1.29 23.41
CA ILE A 319 -1.83 2.10 22.70
C ILE A 319 -0.58 2.26 23.54
N TRP A 320 0.56 1.84 23.00
CA TRP A 320 1.83 1.88 23.69
C TRP A 320 2.88 2.64 22.90
N ARG A 321 3.71 3.41 23.60
CA ARG A 321 4.89 4.01 23.02
C ARG A 321 6.05 3.08 23.32
N TYR A 322 6.56 2.42 22.29
CA TYR A 322 7.73 1.56 22.43
C TYR A 322 8.89 2.11 21.61
N THR A 323 10.11 1.75 22.01
N THR A 323 10.11 1.70 21.97
CA THR A 323 11.31 2.24 21.33
CA THR A 323 11.31 2.23 21.37
C THR A 323 12.30 1.13 21.03
C THR A 323 12.33 1.13 21.05
N VAL A 324 12.97 1.24 19.88
CA VAL A 324 14.09 0.40 19.55
C VAL A 324 15.32 1.31 19.61
N GLN A 325 16.19 1.03 20.57
N GLN A 325 16.20 1.04 20.56
CA GLN A 325 17.43 1.78 20.76
CA GLN A 325 17.41 1.83 20.76
C GLN A 325 18.45 1.42 19.68
C GLN A 325 18.46 1.43 19.72
N PRO A 326 19.20 2.41 19.18
CA PRO A 326 20.28 2.15 18.21
C PRO A 326 21.35 1.21 18.78
N SER A 327 21.93 0.41 17.89
N SER A 327 21.94 0.40 17.91
CA SER A 327 22.95 -0.56 18.27
CA SER A 327 22.96 -0.57 18.33
C SER A 327 24.32 0.09 18.44
C SER A 327 24.37 0.02 18.38
N ALA A 328 24.59 1.09 17.62
CA ALA A 328 25.90 1.75 17.56
C ALA A 328 25.77 3.27 17.60
N ALA A 329 26.89 3.93 17.88
CA ALA A 329 26.97 5.39 17.86
C ALA A 329 27.05 5.91 16.43
N MET B 4 -9.71 30.87 -44.79
CA MET B 4 -10.90 30.11 -44.31
C MET B 4 -11.01 28.79 -45.07
N SER B 5 -11.04 27.69 -44.33
CA SER B 5 -11.05 26.34 -44.91
C SER B 5 -12.33 26.03 -45.66
N LYS B 6 -12.19 25.52 -46.89
CA LYS B 6 -13.33 25.08 -47.70
C LYS B 6 -13.26 23.56 -47.88
N PRO B 7 -14.42 22.89 -47.91
CA PRO B 7 -14.46 21.42 -47.97
C PRO B 7 -13.93 20.87 -49.30
N VAL B 8 -13.12 19.82 -49.19
CA VAL B 8 -12.50 19.18 -50.35
C VAL B 8 -13.17 17.83 -50.60
N LYS B 9 -13.40 17.08 -49.53
CA LYS B 9 -14.13 15.82 -49.61
C LYS B 9 -15.58 16.05 -49.19
N SER B 10 -16.48 15.22 -49.71
CA SER B 10 -17.88 15.31 -49.33
C SER B 10 -18.13 14.45 -48.09
N LYS B 11 -17.28 13.45 -47.88
CA LYS B 11 -17.46 12.46 -46.82
C LYS B 11 -16.11 11.83 -46.47
N THR B 12 -15.84 11.65 -45.18
CA THR B 12 -14.59 11.03 -44.73
C THR B 12 -14.64 9.52 -44.98
N THR B 13 -13.49 8.98 -45.38
CA THR B 13 -13.34 7.56 -45.67
C THR B 13 -12.27 6.94 -44.78
N GLY B 14 -11.57 7.79 -44.03
CA GLY B 14 -10.48 7.33 -43.17
C GLY B 14 -10.99 6.80 -41.84
N LYS B 15 -10.06 6.52 -40.94
CA LYS B 15 -10.38 6.10 -39.59
C LYS B 15 -9.85 7.13 -38.61
N ASN B 16 -10.66 8.16 -38.38
CA ASN B 16 -10.28 9.31 -37.57
C ASN B 16 -10.68 9.14 -36.12
N ILE B 17 -9.69 8.98 -35.27
CA ILE B 17 -9.94 8.51 -33.91
C ILE B 17 -9.22 9.31 -32.84
N GLY B 18 -9.76 9.25 -31.63
CA GLY B 18 -9.10 9.74 -30.43
C GLY B 18 -9.06 8.62 -29.42
N TYR B 19 -7.88 8.38 -28.85
CA TYR B 19 -7.71 7.33 -27.85
C TYR B 19 -8.28 7.73 -26.50
N GLY B 20 -8.71 6.73 -25.74
CA GLY B 20 -9.06 6.94 -24.35
C GLY B 20 -7.78 7.09 -23.54
N LYS B 21 -7.90 7.49 -22.29
CA LYS B 21 -6.74 7.62 -21.43
C LYS B 21 -7.01 7.22 -19.99
N VAL B 22 -5.98 6.67 -19.34
CA VAL B 22 -6.00 6.41 -17.90
C VAL B 22 -4.70 6.95 -17.31
N ILE B 23 -4.80 7.62 -16.16
CA ILE B 23 -3.59 8.01 -15.44
C ILE B 23 -3.11 6.77 -14.69
N LEU B 24 -1.91 6.31 -15.04
CA LEU B 24 -1.31 5.17 -14.36
C LEU B 24 -0.62 5.60 -13.06
N PHE B 25 0.16 6.66 -13.14
CA PHE B 25 0.80 7.23 -11.97
C PHE B 25 0.65 8.76 -11.97
N GLY B 26 0.35 9.30 -10.79
CA GLY B 26 0.67 10.68 -10.49
C GLY B 26 -0.48 11.67 -10.46
N GLU B 27 -1.72 11.20 -10.44
CA GLU B 27 -2.87 12.09 -10.21
C GLU B 27 -2.68 12.86 -8.89
N HIS B 28 -3.06 14.13 -8.93
CA HIS B 28 -2.94 15.08 -7.81
C HIS B 28 -1.50 15.54 -7.53
N PHE B 29 -0.58 14.59 -7.39
CA PHE B 29 0.82 14.91 -7.17
C PHE B 29 1.46 15.69 -8.33
N VAL B 30 0.98 15.43 -9.55
CA VAL B 30 1.47 16.12 -10.76
C VAL B 30 1.18 17.62 -10.75
N VAL B 31 0.09 18.00 -10.08
CA VAL B 31 -0.30 19.40 -9.91
C VAL B 31 0.75 20.15 -9.09
N HIS B 32 1.49 19.42 -8.25
CA HIS B 32 2.47 20.03 -7.36
C HIS B 32 3.92 19.83 -7.80
N GLY B 33 4.10 19.34 -9.03
CA GLY B 33 5.42 19.30 -9.67
C GLY B 33 6.02 17.93 -9.85
N ALA B 34 5.32 16.90 -9.41
CA ALA B 34 5.80 15.53 -9.54
C ALA B 34 5.48 14.99 -10.93
N GLU B 35 6.23 13.97 -11.35
CA GLU B 35 6.04 13.38 -12.68
C GLU B 35 4.84 12.44 -12.70
N ALA B 36 4.15 12.41 -13.83
CA ALA B 36 3.02 11.53 -14.03
C ALA B 36 3.20 10.68 -15.27
N ILE B 37 2.63 9.47 -15.22
CA ILE B 37 2.59 8.58 -16.37
C ILE B 37 1.13 8.41 -16.77
N VAL B 38 0.82 8.81 -18.01
CA VAL B 38 -0.53 8.75 -18.54
C VAL B 38 -0.54 7.79 -19.73
N ALA B 39 -1.55 6.92 -19.77
CA ALA B 39 -1.63 5.90 -20.79
C ALA B 39 -2.75 6.20 -21.77
N GLY B 40 -2.40 6.29 -23.06
CA GLY B 40 -3.40 6.33 -24.11
C GLY B 40 -3.76 4.91 -24.46
N ILE B 41 -5.01 4.53 -24.21
CA ILE B 41 -5.46 3.17 -24.49
C ILE B 41 -5.86 2.98 -25.95
N SER B 42 -5.81 1.75 -26.42
CA SER B 42 -6.11 1.43 -27.82
C SER B 42 -7.55 1.75 -28.18
N GLU B 43 -8.46 1.46 -27.24
CA GLU B 43 -9.89 1.70 -27.42
C GLU B 43 -10.14 3.19 -27.63
N TYR B 44 -11.02 3.51 -28.57
CA TYR B 44 -11.05 4.86 -29.16
C TYR B 44 -12.46 5.37 -29.42
N THR B 45 -12.53 6.68 -29.66
CA THR B 45 -13.72 7.30 -30.20
C THR B 45 -13.42 7.64 -31.67
N GLU B 46 -14.37 7.29 -32.55
CA GLU B 46 -14.26 7.63 -33.97
C GLU B 46 -15.27 8.69 -34.37
N CYS B 47 -14.81 9.63 -35.19
CA CYS B 47 -15.67 10.66 -35.75
C CYS B 47 -15.71 10.51 -37.26
N ARG B 48 -16.93 10.47 -37.80
N ARG B 48 -16.92 10.50 -37.81
CA ARG B 48 -17.15 10.49 -39.24
CA ARG B 48 -17.14 10.50 -39.24
C ARG B 48 -17.79 11.82 -39.61
C ARG B 48 -17.85 11.78 -39.65
N LEU B 49 -17.44 12.34 -40.78
CA LEU B 49 -18.00 13.61 -41.25
C LEU B 49 -18.47 13.52 -42.69
N GLU B 50 -19.56 14.23 -42.98
CA GLU B 50 -20.00 14.43 -44.35
C GLU B 50 -20.69 15.79 -44.49
N ILE B 51 -20.60 16.36 -45.68
CA ILE B 51 -21.20 17.67 -45.95
C ILE B 51 -22.73 17.58 -45.84
N ASN B 52 -23.33 18.69 -45.41
CA ASN B 52 -24.78 18.76 -45.25
C ASN B 52 -25.24 20.01 -45.99
N PRO B 53 -25.28 19.93 -47.33
CA PRO B 53 -25.55 21.10 -48.17
C PRO B 53 -26.93 21.67 -47.91
N GLY B 54 -27.01 22.99 -47.79
CA GLY B 54 -28.28 23.69 -47.56
C GLY B 54 -28.73 23.71 -46.10
N VAL B 55 -27.99 23.01 -45.24
CA VAL B 55 -28.32 22.91 -43.81
C VAL B 55 -27.14 23.45 -42.99
N PRO B 56 -27.27 24.67 -42.46
CA PRO B 56 -26.20 25.29 -41.69
C PRO B 56 -25.89 24.57 -40.38
N GLY B 57 -24.66 24.73 -39.90
CA GLY B 57 -24.28 24.23 -38.58
C GLY B 57 -23.83 22.78 -38.54
N LEU B 58 -23.64 22.28 -37.32
CA LEU B 58 -23.11 20.95 -37.11
C LEU B 58 -24.17 20.02 -36.50
N GLN B 59 -24.59 19.02 -37.27
CA GLN B 59 -25.55 18.03 -36.78
C GLN B 59 -24.78 16.88 -36.16
N VAL B 60 -24.99 16.67 -34.86
CA VAL B 60 -24.30 15.61 -34.14
C VAL B 60 -25.21 14.39 -33.95
N ASP B 61 -24.72 13.25 -34.45
CA ASP B 61 -25.36 11.97 -34.27
C ASP B 61 -24.42 11.17 -33.37
N ASP B 62 -24.66 11.27 -32.06
CA ASP B 62 -23.73 10.75 -31.05
C ASP B 62 -24.14 9.36 -30.59
N GLN B 63 -23.40 8.37 -31.09
CA GLN B 63 -23.74 6.97 -30.87
C GLN B 63 -22.66 6.21 -30.09
N ARG B 64 -21.81 6.96 -29.39
CA ARG B 64 -20.82 6.38 -28.48
C ARG B 64 -21.50 5.54 -27.41
N PRO B 65 -20.89 4.42 -27.02
CA PRO B 65 -21.44 3.57 -25.98
C PRO B 65 -21.21 4.15 -24.57
N ALA B 66 -21.59 5.41 -24.39
CA ALA B 66 -21.42 6.11 -23.11
C ALA B 66 -22.30 5.52 -22.03
N ILE B 67 -21.83 5.62 -20.78
CA ILE B 67 -22.65 5.21 -19.64
C ILE B 67 -23.93 6.05 -19.60
N PRO B 68 -25.01 5.51 -19.04
CA PRO B 68 -26.30 6.21 -19.05
C PRO B 68 -26.20 7.63 -18.49
N GLY B 69 -26.79 8.59 -19.21
CA GLY B 69 -26.81 9.97 -18.78
C GLY B 69 -25.61 10.82 -19.19
N TYR B 70 -24.49 10.17 -19.50
CA TYR B 70 -23.25 10.89 -19.81
C TYR B 70 -23.40 11.87 -20.97
N ILE B 71 -23.89 11.38 -22.11
CA ILE B 71 -24.00 12.19 -23.32
C ILE B 71 -24.91 13.40 -23.11
N ALA B 72 -26.07 13.17 -22.50
CA ALA B 72 -27.01 14.25 -22.18
C ALA B 72 -26.38 15.29 -21.25
N GLN B 73 -25.62 14.82 -20.27
CA GLN B 73 -24.96 15.68 -19.28
C GLN B 73 -23.87 16.54 -19.93
N LYS B 74 -23.17 15.97 -20.91
CA LYS B 74 -22.01 16.63 -21.51
C LYS B 74 -22.32 17.44 -22.77
N ARG B 75 -23.56 17.33 -23.27
CA ARG B 75 -23.93 17.92 -24.56
C ARG B 75 -23.66 19.41 -24.67
N ASP B 76 -24.04 20.18 -23.66
CA ASP B 76 -23.81 21.62 -23.66
C ASP B 76 -22.32 21.97 -23.79
N GLU B 77 -21.48 21.25 -23.06
CA GLU B 77 -20.03 21.44 -23.16
C GLU B 77 -19.53 20.99 -24.52
N GLN B 78 -20.08 19.89 -25.03
CA GLN B 78 -19.69 19.38 -26.35
C GLN B 78 -19.93 20.41 -27.46
N ILE B 79 -21.09 21.07 -27.41
CA ILE B 79 -21.40 22.15 -28.35
C ILE B 79 -20.32 23.22 -28.34
N LYS B 80 -19.92 23.66 -27.14
CA LYS B 80 -18.85 24.63 -26.96
C LYS B 80 -17.53 24.08 -27.50
N ALA B 81 -17.22 22.83 -27.16
CA ALA B 81 -15.97 22.19 -27.58
C ALA B 81 -15.85 22.07 -29.09
N HIS B 82 -16.90 21.57 -29.74
CA HIS B 82 -16.89 21.39 -31.19
C HIS B 82 -16.73 22.70 -31.96
N GLN B 83 -17.42 23.75 -31.49
N GLN B 83 -17.42 23.76 -31.53
CA GLN B 83 -17.33 25.08 -32.09
CA GLN B 83 -17.27 25.07 -32.19
C GLN B 83 -15.96 25.73 -31.91
C GLN B 83 -15.91 25.72 -31.94
N LEU B 84 -15.28 25.36 -30.81
CA LEU B 84 -13.91 25.81 -30.55
C LEU B 84 -12.92 25.20 -31.54
N VAL B 85 -13.11 23.91 -31.85
CA VAL B 85 -12.30 23.24 -32.87
C VAL B 85 -12.57 23.79 -34.26
N LEU B 86 -13.86 23.97 -34.60
CA LEU B 86 -14.26 24.58 -35.87
C LEU B 86 -13.64 25.96 -36.03
N ASP B 87 -13.76 26.77 -34.97
N ASP B 87 -13.77 26.78 -34.98
CA ASP B 87 -13.19 28.11 -34.93
CA ASP B 87 -13.19 28.12 -34.94
C ASP B 87 -11.67 28.07 -35.14
C ASP B 87 -11.67 28.07 -35.14
N HIS B 88 -11.00 27.24 -34.35
CA HIS B 88 -9.54 27.07 -34.43
C HIS B 88 -9.04 26.62 -35.81
N LEU B 89 -9.81 25.77 -36.47
CA LEU B 89 -9.41 25.25 -37.78
C LEU B 89 -9.98 26.08 -38.94
N LYS B 90 -10.62 27.19 -38.59
CA LYS B 90 -11.14 28.16 -39.57
C LYS B 90 -12.18 27.52 -40.49
N VAL B 91 -13.11 26.79 -39.87
CA VAL B 91 -14.18 26.11 -40.59
C VAL B 91 -15.47 26.88 -40.36
N ASP B 92 -16.08 27.34 -41.46
CA ASP B 92 -17.34 28.08 -41.41
C ASP B 92 -18.49 27.19 -41.90
N LEU B 93 -19.45 26.95 -41.01
CA LEU B 93 -20.59 26.10 -41.30
C LEU B 93 -21.89 26.88 -41.48
N SER B 94 -21.77 28.19 -41.67
CA SER B 94 -22.94 29.08 -41.75
C SER B 94 -23.81 28.87 -42.99
N GLY B 95 -23.20 28.33 -44.05
CA GLY B 95 -23.93 28.01 -45.27
C GLY B 95 -24.24 26.53 -45.33
N ASP B 96 -23.34 25.75 -45.92
CA ASP B 96 -23.44 24.30 -45.92
C ASP B 96 -22.79 23.76 -44.65
N GLY B 97 -23.55 23.00 -43.87
CA GLY B 97 -23.04 22.46 -42.62
C GLY B 97 -22.39 21.10 -42.75
N LEU B 98 -22.35 20.37 -41.64
CA LEU B 98 -21.78 19.04 -41.58
C LEU B 98 -22.65 18.08 -40.77
N LYS B 99 -22.65 16.83 -41.19
CA LYS B 99 -23.24 15.74 -40.41
C LYS B 99 -22.12 14.96 -39.74
N MET B 100 -22.17 14.89 -38.42
CA MET B 100 -21.15 14.19 -37.64
C MET B 100 -21.74 12.95 -37.00
N PHE B 101 -21.07 11.81 -37.23
CA PHE B 101 -21.39 10.57 -36.55
C PHE B 101 -20.26 10.27 -35.57
N ILE B 102 -20.60 10.08 -34.29
CA ILE B 102 -19.59 9.74 -33.30
C ILE B 102 -19.80 8.31 -32.82
N GLY B 103 -18.74 7.51 -32.89
CA GLY B 103 -18.76 6.12 -32.49
C GLY B 103 -17.44 5.66 -31.90
N GLY B 104 -17.05 4.43 -32.24
CA GLY B 104 -15.87 3.81 -31.66
C GLY B 104 -16.24 3.04 -30.40
N PRO B 105 -15.38 2.10 -29.98
CA PRO B 105 -15.63 1.26 -28.81
C PRO B 105 -15.40 1.90 -27.44
N LEU B 106 -14.65 2.99 -27.36
CA LEU B 106 -14.40 3.65 -26.08
C LEU B 106 -15.72 4.00 -25.40
N VAL B 107 -15.82 3.67 -24.12
CA VAL B 107 -17.00 3.99 -23.33
C VAL B 107 -16.77 5.29 -22.56
N PRO B 108 -17.45 6.34 -22.96
CA PRO B 108 -17.35 7.59 -22.24
C PRO B 108 -17.90 7.49 -20.82
N SER B 109 -17.06 7.91 -19.89
CA SER B 109 -17.37 7.97 -18.48
C SER B 109 -16.30 8.87 -17.87
N SER B 110 -16.56 9.44 -16.70
N SER B 110 -16.56 9.44 -16.70
CA SER B 110 -15.59 10.30 -16.04
CA SER B 110 -15.58 10.31 -16.10
C SER B 110 -14.29 9.54 -15.80
C SER B 110 -14.29 9.55 -15.83
N GLY B 111 -13.17 10.20 -16.06
CA GLY B 111 -11.85 9.63 -15.82
C GLY B 111 -11.16 9.02 -17.04
N ILE B 112 -11.91 8.71 -18.09
CA ILE B 112 -11.35 8.04 -19.27
C ILE B 112 -10.86 9.00 -20.37
N GLY B 113 -10.96 10.30 -20.10
CA GLY B 113 -10.53 11.34 -21.04
C GLY B 113 -11.37 11.40 -22.30
N ALA B 114 -12.62 10.95 -22.20
CA ALA B 114 -13.54 10.79 -23.34
C ALA B 114 -13.79 12.08 -24.12
N SER B 115 -13.81 13.22 -23.43
CA SER B 115 -14.01 14.50 -24.09
C SER B 115 -12.84 14.85 -25.02
N ALA B 116 -11.62 14.50 -24.58
CA ALA B 116 -10.43 14.68 -25.41
C ALA B 116 -10.47 13.74 -26.62
N SER B 117 -10.92 12.50 -26.41
CA SER B 117 -11.04 11.54 -27.51
C SER B 117 -11.99 12.09 -28.57
N ASP B 118 -13.11 12.66 -28.10
CA ASP B 118 -14.09 13.36 -28.95
C ASP B 118 -13.42 14.42 -29.84
N VAL B 119 -12.81 15.41 -29.21
CA VAL B 119 -12.23 16.55 -29.96
C VAL B 119 -11.02 16.19 -30.82
N VAL B 120 -10.25 15.17 -30.42
CA VAL B 120 -9.15 14.70 -31.25
C VAL B 120 -9.69 14.02 -32.51
N ALA B 121 -10.70 13.15 -32.33
CA ALA B 121 -11.32 12.44 -33.45
C ALA B 121 -11.94 13.44 -34.44
N PHE B 122 -12.62 14.45 -33.89
CA PHE B 122 -13.21 15.54 -34.66
C PHE B 122 -12.15 16.33 -35.44
N SER B 123 -11.05 16.69 -34.77
CA SER B 123 -9.94 17.39 -35.42
C SER B 123 -9.34 16.60 -36.58
N ARG B 124 -9.17 15.29 -36.39
CA ARG B 124 -8.65 14.41 -37.42
C ARG B 124 -9.62 14.28 -38.59
N ALA B 125 -10.91 14.17 -38.28
CA ALA B 125 -11.94 14.05 -39.30
C ALA B 125 -12.05 15.34 -40.12
N LEU B 126 -11.99 16.47 -39.43
CA LEU B 126 -11.98 17.79 -40.09
C LEU B 126 -10.77 17.95 -41.00
N SER B 127 -9.60 17.51 -40.53
CA SER B 127 -8.39 17.56 -41.32
C SER B 127 -8.53 16.71 -42.59
N GLU B 128 -9.22 15.58 -42.48
CA GLU B 128 -9.48 14.77 -43.67
C GLU B 128 -10.41 15.47 -44.64
N LEU B 129 -11.54 15.95 -44.14
CA LEU B 129 -12.57 16.52 -45.01
C LEU B 129 -12.07 17.79 -45.72
N TYR B 130 -11.33 18.62 -45.00
CA TYR B 130 -10.88 19.91 -45.52
C TYR B 130 -9.45 19.83 -46.07
N GLN B 131 -8.88 18.62 -46.02
CA GLN B 131 -7.54 18.32 -46.49
C GLN B 131 -6.51 19.32 -45.93
N LEU B 132 -6.48 19.40 -44.60
CA LEU B 132 -5.60 20.31 -43.89
C LEU B 132 -4.23 19.69 -43.61
N ASN B 133 -4.15 18.36 -43.77
CA ASN B 133 -2.91 17.61 -43.52
C ASN B 133 -2.28 17.95 -42.16
N LEU B 134 -3.11 18.01 -41.12
CA LEU B 134 -2.62 18.35 -39.79
C LEU B 134 -1.62 17.30 -39.30
N THR B 135 -0.50 17.79 -38.75
CA THR B 135 0.46 16.94 -38.07
C THR B 135 -0.16 16.56 -36.73
N ASP B 136 0.45 15.60 -36.04
CA ASP B 136 -0.02 15.20 -34.72
C ASP B 136 -0.02 16.36 -33.74
N GLU B 137 1.00 17.21 -33.82
CA GLU B 137 1.12 18.39 -32.96
C GLU B 137 -0.05 19.36 -33.19
N GLU B 138 -0.41 19.55 -34.45
CA GLU B 138 -1.52 20.40 -34.84
C GLU B 138 -2.87 19.81 -34.43
N VAL B 139 -3.01 18.50 -34.55
CA VAL B 139 -4.17 17.78 -34.04
C VAL B 139 -4.27 17.96 -32.51
N ASN B 140 -3.14 17.80 -31.83
CA ASN B 140 -3.05 17.92 -30.37
C ASN B 140 -3.42 19.32 -29.89
N LEU B 141 -2.94 20.35 -30.59
CA LEU B 141 -3.31 21.74 -30.26
C LEU B 141 -4.79 21.97 -30.47
N SER B 142 -5.32 21.50 -31.60
CA SER B 142 -6.74 21.64 -31.90
C SER B 142 -7.60 21.02 -30.78
N ALA B 143 -7.22 19.83 -30.34
CA ALA B 143 -7.90 19.14 -29.25
C ALA B 143 -7.77 19.92 -27.94
N PHE B 144 -6.55 20.38 -27.66
CA PHE B 144 -6.28 21.21 -26.49
C PHE B 144 -7.22 22.43 -26.48
N VAL B 145 -7.37 23.08 -27.63
CA VAL B 145 -8.28 24.21 -27.79
C VAL B 145 -9.73 23.79 -27.56
N GLY B 146 -10.13 22.67 -28.18
CA GLY B 146 -11.46 22.09 -28.01
C GLY B 146 -11.81 21.73 -26.57
N GLU B 147 -10.82 21.22 -25.83
CA GLU B 147 -11.01 20.82 -24.44
C GLU B 147 -11.43 21.99 -23.54
N GLY B 148 -11.16 23.20 -24.00
CA GLY B 148 -11.58 24.41 -23.29
C GLY B 148 -13.09 24.49 -23.16
N GLY B 149 -13.79 23.79 -24.05
CA GLY B 149 -15.26 23.76 -24.05
C GLY B 149 -15.86 22.95 -22.91
N TYR B 150 -15.07 22.04 -22.35
CA TYR B 150 -15.52 21.20 -21.26
C TYR B 150 -15.13 21.77 -19.90
N HIS B 151 -13.84 22.02 -19.69
CA HIS B 151 -13.34 22.42 -18.37
C HIS B 151 -12.22 23.44 -18.38
N GLY B 152 -11.72 23.78 -17.20
CA GLY B 152 -10.35 24.23 -17.03
C GLY B 152 -10.02 25.47 -17.83
N THR B 153 -8.79 25.58 -18.31
CA THR B 153 -7.64 24.84 -17.82
C THR B 153 -7.62 23.33 -17.98
N PRO B 154 -7.90 22.87 -19.20
CA PRO B 154 -7.26 21.67 -19.73
C PRO B 154 -5.76 21.66 -19.45
N SER B 155 -5.30 20.58 -18.85
CA SER B 155 -3.88 20.44 -18.54
C SER B 155 -3.05 20.07 -19.77
N GLY B 156 -3.70 19.42 -20.73
CA GLY B 156 -3.00 18.91 -21.92
C GLY B 156 -2.77 17.42 -21.89
N ALA B 157 -2.85 16.82 -20.70
CA ALA B 157 -2.61 15.38 -20.56
C ALA B 157 -3.62 14.55 -21.34
N ASP B 158 -4.89 14.94 -21.26
CA ASP B 158 -5.97 14.22 -21.93
C ASP B 158 -5.85 14.25 -23.46
N ASN B 159 -5.69 15.45 -24.03
CA ASN B 159 -5.52 15.59 -25.48
C ASN B 159 -4.25 14.94 -26.02
N THR B 160 -3.16 15.01 -25.26
CA THR B 160 -1.90 14.37 -25.65
C THR B 160 -2.03 12.84 -25.77
N ALA B 161 -2.60 12.20 -24.75
CA ALA B 161 -2.82 10.76 -24.79
C ALA B 161 -3.82 10.35 -25.87
N ALA B 162 -4.84 11.17 -26.10
CA ALA B 162 -5.85 10.90 -27.12
C ALA B 162 -5.30 10.99 -28.55
N THR B 163 -4.40 11.96 -28.74
N THR B 163 -4.38 11.91 -28.78
CA THR B 163 -3.72 12.21 -30.01
CA THR B 163 -3.82 12.07 -30.13
C THR B 163 -2.73 11.08 -30.30
C THR B 163 -2.58 11.21 -30.41
N TYR B 164 -1.79 10.89 -29.38
CA TYR B 164 -0.60 10.06 -29.58
C TYR B 164 -0.78 8.60 -29.17
N GLY B 165 -1.51 8.36 -28.10
CA GLY B 165 -1.64 7.01 -27.54
C GLY B 165 -0.36 6.59 -26.81
N GLY B 166 -0.34 5.36 -26.33
CA GLY B 166 0.81 4.82 -25.63
C GLY B 166 1.06 5.44 -24.27
N LEU B 167 2.28 5.24 -23.76
CA LEU B 167 2.65 5.77 -22.45
C LEU B 167 3.27 7.14 -22.61
N ILE B 168 2.81 8.08 -21.80
CA ILE B 168 3.26 9.45 -21.87
C ILE B 168 3.73 9.94 -20.52
N LEU B 169 4.96 10.45 -20.49
CA LEU B 169 5.52 11.08 -19.32
C LEU B 169 5.08 12.54 -19.27
N TYR B 170 4.39 12.90 -18.19
CA TYR B 170 3.86 14.24 -18.01
C TYR B 170 4.53 14.86 -16.79
N ARG B 171 5.24 15.97 -17.02
CA ARG B 171 5.95 16.65 -15.93
C ARG B 171 5.96 18.16 -16.15
N ARG B 172 5.86 18.90 -15.04
CA ARG B 172 5.98 20.35 -15.07
C ARG B 172 7.42 20.76 -14.75
N GLN B 173 8.19 21.04 -15.79
CA GLN B 173 9.60 21.42 -15.68
C GLN B 173 9.81 22.91 -15.94
N ASN B 174 10.37 23.60 -14.94
CA ASN B 174 10.60 25.06 -14.97
C ASN B 174 9.30 25.86 -15.12
N GLY B 175 8.24 25.37 -14.50
CA GLY B 175 6.91 26.01 -14.59
C GLY B 175 6.17 25.68 -15.88
N LYS B 176 6.83 24.94 -16.76
CA LYS B 176 6.28 24.58 -18.06
C LYS B 176 5.87 23.11 -18.12
N SER B 177 4.71 22.84 -18.70
CA SER B 177 4.21 21.48 -18.88
C SER B 177 4.91 20.79 -20.04
N VAL B 178 5.50 19.63 -19.75
CA VAL B 178 6.24 18.86 -20.75
C VAL B 178 5.66 17.45 -20.85
N PHE B 179 5.42 17.02 -22.08
CA PHE B 179 4.92 15.69 -22.38
C PHE B 179 5.90 15.01 -23.32
N LYS B 180 6.24 13.77 -23.01
CA LYS B 180 7.05 12.97 -23.93
C LYS B 180 6.69 11.49 -23.87
N PRO B 181 6.81 10.79 -25.01
CA PRO B 181 6.48 9.38 -25.09
C PRO B 181 7.45 8.53 -24.28
N ILE B 182 6.92 7.48 -23.66
CA ILE B 182 7.76 6.46 -23.05
C ILE B 182 7.73 5.25 -23.98
N ALA B 183 8.87 4.93 -24.57
CA ALA B 183 9.00 3.74 -25.40
C ALA B 183 8.89 2.49 -24.53
N PHE B 184 7.98 1.60 -24.90
CA PHE B 184 7.70 0.39 -24.11
C PHE B 184 7.30 -0.78 -25.02
N GLN B 185 7.78 -1.97 -24.69
CA GLN B 185 7.66 -3.13 -25.59
C GLN B 185 6.57 -4.12 -25.19
N GLN B 186 6.13 -4.07 -23.93
CA GLN B 186 5.10 -4.98 -23.45
C GLN B 186 3.72 -4.34 -23.46
N ARG B 187 2.74 -5.09 -23.97
CA ARG B 187 1.35 -4.66 -23.95
C ARG B 187 0.84 -4.62 -22.50
N LEU B 188 0.03 -3.61 -22.18
N LEU B 188 0.05 -3.59 -22.18
CA LEU B 188 -0.60 -3.53 -20.87
CA LEU B 188 -0.60 -3.52 -20.88
C LEU B 188 -2.06 -3.94 -20.95
C LEU B 188 -2.05 -3.98 -21.01
N TYR B 189 -2.40 -5.02 -20.25
CA TYR B 189 -3.77 -5.50 -20.18
C TYR B 189 -4.42 -4.91 -18.93
N LEU B 190 -5.38 -4.01 -19.16
CA LEU B 190 -6.03 -3.29 -18.07
C LEU B 190 -7.48 -3.68 -17.85
N VAL B 191 -7.88 -3.68 -16.58
CA VAL B 191 -9.29 -3.63 -16.22
C VAL B 191 -9.54 -2.25 -15.65
N VAL B 192 -10.46 -1.52 -16.28
CA VAL B 192 -10.85 -0.20 -15.79
C VAL B 192 -12.26 -0.30 -15.27
N VAL B 193 -12.46 0.19 -14.05
CA VAL B 193 -13.74 0.04 -13.35
C VAL B 193 -14.37 1.38 -12.99
N GLY B 194 -15.61 1.58 -13.42
CA GLY B 194 -16.37 2.79 -13.08
C GLY B 194 -17.24 2.57 -11.86
N THR B 195 -17.19 3.52 -10.93
CA THR B 195 -17.99 3.49 -9.70
C THR B 195 -19.41 4.00 -9.93
N GLY B 196 -19.61 4.73 -11.03
CA GLY B 196 -20.86 5.39 -11.31
C GLY B 196 -21.06 6.69 -10.53
N ILE B 197 -20.01 7.09 -9.79
CA ILE B 197 -20.04 8.31 -8.98
C ILE B 197 -19.22 9.41 -9.65
N ASN B 198 -19.89 10.53 -9.93
CA ASN B 198 -19.21 11.71 -10.46
C ASN B 198 -18.71 12.58 -9.31
N ALA B 199 -17.39 12.69 -9.21
CA ALA B 199 -16.76 13.53 -8.20
C ALA B 199 -16.50 14.92 -8.75
N SER B 200 -16.67 15.94 -7.90
CA SER B 200 -16.36 17.30 -8.29
C SER B 200 -14.85 17.49 -8.26
N THR B 201 -14.25 17.53 -9.45
CA THR B 201 -12.79 17.68 -9.58
C THR B 201 -12.24 18.88 -8.82
N ALA B 202 -12.92 20.03 -8.95
CA ALA B 202 -12.53 21.26 -8.26
C ALA B 202 -12.51 21.10 -6.75
N LYS B 203 -13.53 20.45 -6.19
CA LYS B 203 -13.62 20.23 -4.74
C LYS B 203 -12.48 19.33 -4.23
N VAL B 204 -12.25 18.22 -4.92
CA VAL B 204 -11.20 17.26 -4.53
C VAL B 204 -9.81 17.90 -4.63
N VAL B 205 -9.57 18.61 -5.72
CA VAL B 205 -8.29 19.31 -5.96
C VAL B 205 -7.98 20.34 -4.87
N ASN B 206 -8.99 21.12 -4.49
N ASN B 206 -8.98 21.12 -4.47
CA ASN B 206 -8.84 22.13 -3.45
CA ASN B 206 -8.77 22.14 -3.45
C ASN B 206 -8.65 21.52 -2.06
C ASN B 206 -8.67 21.55 -2.03
N ASP B 207 -9.25 20.36 -1.86
CA ASP B 207 -9.10 19.61 -0.60
C ASP B 207 -7.66 19.11 -0.42
N VAL B 208 -7.04 18.71 -1.52
CA VAL B 208 -5.61 18.38 -1.54
C VAL B 208 -4.77 19.64 -1.32
N HIS B 209 -5.21 20.75 -1.91
N HIS B 209 -5.22 20.75 -1.90
CA HIS B 209 -4.57 22.05 -1.69
CA HIS B 209 -4.61 22.07 -1.71
C HIS B 209 -4.67 22.51 -0.23
C HIS B 209 -4.67 22.49 -0.24
N LYS B 210 -5.82 22.26 0.38
CA LYS B 210 -6.04 22.54 1.81
C LYS B 210 -5.11 21.72 2.71
N MET B 211 -4.89 20.46 2.34
CA MET B 211 -4.01 19.57 3.10
C MET B 211 -2.55 20.02 3.01
N LYS B 212 -2.16 20.51 1.84
CA LYS B 212 -0.81 21.04 1.64
C LYS B 212 -0.57 22.28 2.51
N GLN B 213 -1.61 23.12 2.63
CA GLN B 213 -1.58 24.29 3.49
C GLN B 213 -1.50 23.88 4.96
N GLN B 214 -2.53 23.17 5.41
CA GLN B 214 -2.73 22.85 6.82
C GLN B 214 -1.75 21.83 7.37
N GLN B 215 -1.26 20.94 6.50
CA GLN B 215 -0.33 19.88 6.91
C GLN B 215 0.87 19.84 5.96
N PRO B 216 1.75 20.85 6.04
CA PRO B 216 2.83 21.00 5.08
C PRO B 216 3.90 19.92 5.21
N VAL B 217 4.22 19.56 6.45
CA VAL B 217 5.25 18.55 6.72
C VAL B 217 4.85 17.15 6.26
N GLN B 218 3.58 16.78 6.47
CA GLN B 218 3.10 15.46 6.08
C GLN B 218 2.86 15.37 4.56
N PHE B 219 2.31 16.43 3.98
CA PHE B 219 2.08 16.45 2.53
C PHE B 219 3.41 16.31 1.79
N LYS B 220 4.40 17.06 2.25
CA LYS B 220 5.75 17.02 1.69
C LYS B 220 6.33 15.60 1.72
N ARG B 221 6.08 14.88 2.81
N ARG B 221 6.09 14.89 2.81
CA ARG B 221 6.53 13.50 2.92
CA ARG B 221 6.52 13.49 2.94
C ARG B 221 5.85 12.61 1.88
C ARG B 221 5.85 12.62 1.89
N LEU B 222 4.53 12.75 1.76
CA LEU B 222 3.74 11.98 0.80
C LEU B 222 4.14 12.30 -0.65
N TYR B 223 4.25 13.60 -0.95
CA TYR B 223 4.77 14.07 -2.24
C TYR B 223 6.14 13.45 -2.52
N ASP B 224 7.07 13.60 -1.59
CA ASP B 224 8.41 13.02 -1.70
C ASP B 224 8.35 11.52 -1.91
N ASN B 225 7.51 10.83 -1.15
CA ASN B 225 7.29 9.41 -1.30
C ASN B 225 6.80 9.07 -2.70
N TYR B 226 5.88 9.87 -3.23
CA TYR B 226 5.41 9.66 -4.58
C TYR B 226 6.52 9.76 -5.64
N THR B 227 7.39 10.77 -5.52
CA THR B 227 8.48 10.96 -6.49
C THR B 227 9.35 9.72 -6.59
N HIS B 228 9.56 9.04 -5.47
N HIS B 228 9.54 9.02 -5.48
CA HIS B 228 10.31 7.79 -5.43
CA HIS B 228 10.33 7.79 -5.45
C HIS B 228 9.58 6.68 -6.18
C HIS B 228 9.59 6.62 -6.12
N ILE B 229 8.26 6.63 -6.04
CA ILE B 229 7.43 5.61 -6.69
C ILE B 229 7.47 5.73 -8.22
N VAL B 230 7.18 6.93 -8.72
CA VAL B 230 7.18 7.16 -10.17
C VAL B 230 8.59 7.02 -10.76
N SER B 231 9.60 7.42 -9.99
CA SER B 231 10.99 7.18 -10.37
C SER B 231 11.22 5.69 -10.61
N GLN B 232 10.76 4.88 -9.69
N GLN B 232 10.76 4.87 -9.68
CA GLN B 232 10.90 3.44 -9.76
CA GLN B 232 10.91 3.42 -9.78
C GLN B 232 9.99 2.85 -10.85
C GLN B 232 9.98 2.82 -10.84
N ALA B 233 8.84 3.47 -11.06
CA ALA B 233 7.88 3.04 -12.09
C ALA B 233 8.46 3.21 -13.48
N ARG B 234 9.14 4.34 -13.69
CA ARG B 234 9.86 4.61 -14.94
C ARG B 234 10.94 3.57 -15.19
N GLU B 235 11.66 3.20 -14.12
CA GLU B 235 12.69 2.16 -14.20
C GLU B 235 12.11 0.80 -14.52
N ALA B 236 10.99 0.48 -13.87
CA ALA B 236 10.27 -0.77 -14.13
C ALA B 236 9.86 -0.87 -15.59
N LEU B 237 9.40 0.24 -16.15
CA LEU B 237 9.03 0.31 -17.56
C LEU B 237 10.25 0.10 -18.46
N GLN B 238 11.38 0.72 -18.11
CA GLN B 238 12.62 0.54 -18.86
C GLN B 238 13.16 -0.89 -18.79
N LYS B 239 12.97 -1.54 -17.64
CA LYS B 239 13.43 -2.91 -17.45
C LYS B 239 12.43 -3.96 -17.95
N GLY B 240 11.23 -3.52 -18.31
CA GLY B 240 10.16 -4.43 -18.75
C GLY B 240 9.55 -5.24 -17.63
N ASP B 241 9.53 -4.68 -16.42
CA ASP B 241 9.07 -5.40 -15.23
C ASP B 241 7.64 -5.02 -14.84
N LEU B 242 6.68 -5.77 -15.36
CA LEU B 242 5.25 -5.50 -15.11
C LEU B 242 4.81 -5.82 -13.68
N GLN B 243 5.43 -6.83 -13.08
CA GLN B 243 5.16 -7.19 -11.70
C GLN B 243 5.55 -6.04 -10.76
N ARG B 244 6.76 -5.50 -10.95
CA ARG B 244 7.20 -4.32 -10.21
C ARG B 244 6.30 -3.12 -10.46
N LEU B 245 5.94 -2.89 -11.73
CA LEU B 245 5.06 -1.78 -12.09
C LEU B 245 3.75 -1.88 -11.31
N GLY B 246 3.15 -3.07 -11.30
CA GLY B 246 1.92 -3.32 -10.56
C GLY B 246 2.07 -3.06 -9.07
N GLN B 247 3.13 -3.58 -8.47
CA GLN B 247 3.46 -3.31 -7.07
C GLN B 247 3.50 -1.81 -6.78
N LEU B 248 4.12 -1.06 -7.69
CA LEU B 248 4.26 0.39 -7.53
C LEU B 248 2.92 1.12 -7.69
N MET B 249 2.05 0.57 -8.53
CA MET B 249 0.66 1.03 -8.64
C MET B 249 -0.06 0.94 -7.30
N ASN B 250 0.10 -0.20 -6.62
CA ASN B 250 -0.47 -0.38 -5.28
C ASN B 250 0.08 0.65 -4.30
N ALA B 251 1.39 0.91 -4.40
CA ALA B 251 2.08 1.89 -3.57
C ALA B 251 1.58 3.30 -3.85
N ASN B 252 1.33 3.61 -5.12
CA ASN B 252 0.75 4.89 -5.52
C ASN B 252 -0.67 5.06 -4.97
N HIS B 253 -1.46 4.00 -5.02
CA HIS B 253 -2.83 4.05 -4.49
C HIS B 253 -2.85 4.35 -2.99
N ASP B 254 -1.92 3.73 -2.26
CA ASP B 254 -1.79 3.91 -0.82
C ASP B 254 -1.55 5.38 -0.48
N LEU B 255 -0.69 6.04 -1.24
CA LEU B 255 -0.41 7.46 -1.07
C LEU B 255 -1.62 8.33 -1.40
N CYS B 256 -2.41 7.90 -2.38
CA CYS B 256 -3.67 8.56 -2.73
C CYS B 256 -4.68 8.50 -1.59
N ARG B 257 -4.76 7.34 -0.94
CA ARG B 257 -5.57 7.18 0.27
C ARG B 257 -5.12 8.17 1.33
N GLN B 258 -3.81 8.40 1.39
CA GLN B 258 -3.22 9.25 2.42
C GLN B 258 -3.38 10.75 2.18
N ILE B 259 -3.68 11.13 0.93
CA ILE B 259 -4.09 12.52 0.65
C ILE B 259 -5.61 12.62 0.56
N ASP B 260 -6.29 11.55 0.97
CA ASP B 260 -7.75 11.49 1.11
C ASP B 260 -8.52 11.71 -0.20
N VAL B 261 -8.12 10.99 -1.25
CA VAL B 261 -8.83 11.07 -2.52
C VAL B 261 -9.45 9.73 -2.95
N SER B 262 -9.37 8.73 -2.09
CA SER B 262 -10.06 7.47 -2.33
C SER B 262 -11.45 7.51 -1.70
N CYS B 263 -12.18 6.40 -1.80
CA CYS B 263 -13.47 6.24 -1.16
C CYS B 263 -13.80 4.76 -0.97
N ARG B 264 -14.86 4.48 -0.22
CA ARG B 264 -15.27 3.11 0.08
C ARG B 264 -15.44 2.27 -1.19
N GLU B 265 -16.07 2.87 -2.20
CA GLU B 265 -16.34 2.18 -3.46
C GLU B 265 -15.05 1.82 -4.19
N LEU B 266 -14.13 2.78 -4.27
CA LEU B 266 -12.83 2.58 -4.92
C LEU B 266 -11.97 1.56 -4.18
N GLU B 267 -12.03 1.61 -2.85
CA GLU B 267 -11.34 0.62 -2.00
C GLU B 267 -11.87 -0.78 -2.26
N SER B 268 -13.19 -0.92 -2.37
CA SER B 268 -13.82 -2.20 -2.63
C SER B 268 -13.38 -2.78 -3.96
N ILE B 269 -13.34 -1.93 -4.99
CA ILE B 269 -12.88 -2.32 -6.32
C ILE B 269 -11.41 -2.77 -6.33
N VAL B 270 -10.52 -1.94 -5.78
CA VAL B 270 -9.08 -2.27 -5.81
C VAL B 270 -8.75 -3.53 -5.03
N GLN B 271 -9.44 -3.73 -3.90
N GLN B 271 -9.45 -3.75 -3.91
CA GLN B 271 -9.29 -4.93 -3.08
CA GLN B 271 -9.25 -4.95 -3.09
C GLN B 271 -9.62 -6.19 -3.88
C GLN B 271 -9.65 -6.23 -3.83
N THR B 272 -10.79 -6.17 -4.52
CA THR B 272 -11.25 -7.30 -5.35
C THR B 272 -10.31 -7.56 -6.53
N CYS B 273 -9.85 -6.50 -7.17
CA CYS B 273 -8.90 -6.62 -8.28
C CYS B 273 -7.64 -7.39 -7.84
N ARG B 274 -7.08 -7.00 -6.71
CA ARG B 274 -5.87 -7.65 -6.17
C ARG B 274 -6.16 -9.08 -5.73
N THR B 275 -7.31 -9.29 -5.11
CA THR B 275 -7.75 -10.61 -4.68
C THR B 275 -7.79 -11.58 -5.85
N TYR B 276 -8.23 -11.08 -7.01
CA TYR B 276 -8.33 -11.90 -8.21
C TYR B 276 -7.10 -11.83 -9.11
N GLY B 277 -5.97 -11.46 -8.51
CA GLY B 277 -4.65 -11.64 -9.12
C GLY B 277 -4.09 -10.52 -9.97
N ALA B 278 -4.63 -9.30 -9.81
CA ALA B 278 -4.06 -8.15 -10.51
C ALA B 278 -2.64 -7.91 -10.00
N LEU B 279 -1.74 -7.55 -10.92
CA LEU B 279 -0.38 -7.19 -10.55
C LEU B 279 -0.37 -5.90 -9.74
N GLY B 280 -1.35 -5.04 -10.02
CA GLY B 280 -1.54 -3.79 -9.32
C GLY B 280 -2.92 -3.23 -9.59
N ALA B 281 -3.42 -2.46 -8.65
CA ALA B 281 -4.72 -1.81 -8.80
C ALA B 281 -4.76 -0.53 -7.99
N LYS B 282 -5.34 0.51 -8.58
CA LYS B 282 -5.38 1.82 -7.96
C LYS B 282 -6.48 2.68 -8.54
N LEU B 283 -6.84 3.74 -7.83
CA LEU B 283 -7.73 4.75 -8.37
C LEU B 283 -7.00 5.46 -9.51
N SER B 284 -7.77 5.96 -10.47
CA SER B 284 -7.21 6.69 -11.59
C SER B 284 -7.94 8.01 -11.76
N GLY B 285 -7.20 9.10 -11.59
CA GLY B 285 -7.75 10.44 -11.80
C GLY B 285 -8.08 11.15 -10.51
N THR B 286 -9.23 11.83 -10.52
CA THR B 286 -9.66 12.68 -9.42
C THR B 286 -9.87 11.91 -8.11
N GLY B 287 -10.35 10.68 -8.21
CA GLY B 287 -10.63 9.88 -7.04
C GLY B 287 -12.00 10.21 -6.50
N ARG B 288 -12.29 9.76 -5.27
CA ARG B 288 -13.60 9.94 -4.62
C ARG B 288 -14.74 9.57 -5.56
N GLY B 289 -14.55 8.49 -6.32
CA GLY B 289 -15.47 8.10 -7.37
C GLY B 289 -14.70 7.93 -8.67
N GLY B 290 -15.37 8.12 -9.79
CA GLY B 290 -14.73 7.97 -11.10
C GLY B 290 -14.28 6.54 -11.34
N ILE B 291 -13.05 6.39 -11.80
CA ILE B 291 -12.54 5.08 -12.20
C ILE B 291 -11.35 4.56 -11.38
N ALA B 292 -11.21 3.24 -11.41
CA ALA B 292 -10.01 2.57 -10.91
C ALA B 292 -9.41 1.79 -12.06
N VAL B 293 -8.11 1.51 -11.97
CA VAL B 293 -7.42 0.75 -13.00
C VAL B 293 -6.62 -0.41 -12.39
N ALA B 294 -6.81 -1.59 -12.95
CA ALA B 294 -6.06 -2.78 -12.56
C ALA B 294 -5.19 -3.24 -13.71
N LEU B 295 -3.94 -3.57 -13.39
CA LEU B 295 -3.01 -4.16 -14.36
C LEU B 295 -3.07 -5.68 -14.24
N ALA B 296 -3.34 -6.34 -15.37
CA ALA B 296 -3.37 -7.80 -15.44
C ALA B 296 -2.07 -8.33 -16.05
N ALA B 297 -1.70 -9.56 -15.70
CA ALA B 297 -0.50 -10.19 -16.25
C ALA B 297 -0.69 -10.66 -17.70
N SER B 298 -1.94 -10.84 -18.11
CA SER B 298 -2.29 -11.34 -19.43
C SER B 298 -3.76 -11.09 -19.74
N SER B 299 -4.21 -11.52 -20.92
CA SER B 299 -5.62 -11.43 -21.29
C SER B 299 -6.48 -12.39 -20.47
N ASP B 300 -5.99 -13.60 -20.26
CA ASP B 300 -6.69 -14.61 -19.48
C ASP B 300 -6.85 -14.23 -18.01
N GLN B 301 -5.79 -13.67 -17.43
CA GLN B 301 -5.82 -13.26 -16.03
C GLN B 301 -6.74 -12.07 -15.83
N ARG B 302 -6.92 -11.29 -16.89
CA ARG B 302 -7.89 -10.22 -16.94
C ARG B 302 -9.32 -10.77 -16.84
N ASP B 303 -9.58 -11.90 -17.49
CA ASP B 303 -10.91 -12.57 -17.42
C ASP B 303 -11.31 -12.88 -15.98
N ALA B 304 -10.36 -13.39 -15.21
CA ALA B 304 -10.60 -13.77 -13.82
C ALA B 304 -10.90 -12.57 -12.93
N ILE B 305 -10.21 -11.45 -13.19
CA ILE B 305 -10.50 -10.20 -12.48
C ILE B 305 -11.92 -9.72 -12.79
N VAL B 306 -12.29 -9.70 -14.06
CA VAL B 306 -13.64 -9.32 -14.48
C VAL B 306 -14.70 -10.22 -13.81
N LYS B 307 -14.48 -11.54 -13.87
CA LYS B 307 -15.36 -12.51 -13.22
C LYS B 307 -15.49 -12.27 -11.72
N GLY B 308 -14.36 -11.99 -11.07
CA GLY B 308 -14.35 -11.74 -9.63
C GLY B 308 -15.06 -10.45 -9.23
N LEU B 309 -14.93 -9.42 -10.06
CA LEU B 309 -15.58 -8.14 -9.82
C LEU B 309 -17.09 -8.24 -9.94
N LYS B 310 -17.55 -8.94 -10.98
CA LYS B 310 -18.98 -9.13 -11.23
C LYS B 310 -19.65 -9.94 -10.13
N ALA B 311 -18.91 -10.85 -9.52
CA ALA B 311 -19.44 -11.75 -8.51
C ALA B 311 -19.35 -11.20 -7.08
N LYS B 312 -18.24 -10.52 -6.79
CA LYS B 312 -17.92 -10.15 -5.41
C LYS B 312 -17.92 -8.65 -5.13
N CYS B 313 -17.91 -7.83 -6.18
CA CYS B 313 -17.79 -6.38 -6.01
C CYS B 313 -18.97 -5.59 -6.60
N PRO B 314 -20.04 -5.42 -5.82
CA PRO B 314 -21.21 -4.66 -6.28
C PRO B 314 -20.90 -3.20 -6.57
N GLU B 315 -19.78 -2.70 -6.05
CA GLU B 315 -19.32 -1.33 -6.28
C GLU B 315 -18.76 -1.14 -7.67
N ALA B 316 -18.36 -2.24 -8.30
CA ALA B 316 -17.87 -2.22 -9.69
C ALA B 316 -19.04 -2.13 -10.66
N LYS B 317 -19.50 -0.91 -10.90
CA LYS B 317 -20.73 -0.66 -11.68
C LYS B 317 -20.52 -0.78 -13.18
N PHE B 318 -19.35 -0.40 -13.65
CA PHE B 318 -18.99 -0.56 -15.07
C PHE B 318 -17.59 -1.15 -15.14
N ILE B 319 -17.43 -2.22 -15.92
CA ILE B 319 -16.16 -2.92 -16.02
C ILE B 319 -15.73 -3.01 -17.48
N TRP B 320 -14.54 -2.49 -17.78
CA TRP B 320 -14.07 -2.45 -19.16
C TRP B 320 -12.72 -3.13 -19.32
N ARG B 321 -12.55 -3.84 -20.44
CA ARG B 321 -11.26 -4.40 -20.81
C ARG B 321 -10.57 -3.43 -21.77
N TYR B 322 -9.52 -2.77 -21.29
CA TYR B 322 -8.76 -1.82 -22.07
C TYR B 322 -7.29 -2.23 -22.13
N THR B 323 -6.60 -1.86 -23.20
N THR B 323 -6.59 -1.82 -23.17
CA THR B 323 -5.19 -2.19 -23.38
CA THR B 323 -5.19 -2.18 -23.34
C THR B 323 -4.36 -0.96 -23.74
C THR B 323 -4.34 -1.01 -23.80
N VAL B 324 -3.08 -1.02 -23.39
CA VAL B 324 -2.10 -0.04 -23.87
C VAL B 324 -1.18 -0.78 -24.83
N GLN B 325 -1.19 -0.36 -26.09
CA GLN B 325 -0.35 -0.95 -27.13
C GLN B 325 1.12 -0.59 -26.89
N PRO B 326 2.01 -1.56 -27.05
CA PRO B 326 3.45 -1.29 -27.00
C PRO B 326 3.87 -0.40 -28.17
N SER B 327 4.81 0.51 -27.91
CA SER B 327 5.29 1.44 -28.93
C SER B 327 6.11 0.72 -30.02
N ALA B 328 6.92 -0.25 -29.59
CA ALA B 328 7.72 -1.06 -30.50
C ALA B 328 7.60 -2.54 -30.15
C8 MEV C . 3.91 -14.95 13.98
O8 MEV C . 4.41 -14.29 15.14
C2 MEV C . 4.88 -14.76 12.82
C3 MEV C . 4.68 -15.73 11.64
O7 MEV C . 5.55 -15.32 10.58
C4 MEV C . 5.00 -17.19 12.01
C5 MEV C . 6.48 -17.49 12.22
O3 MEV C . 6.78 -18.59 12.74
O4 MEV C . 7.36 -16.67 11.86
C6 MEV C . 3.26 -15.64 11.11
#